data_6JXG
#
_entry.id   6JXG
#
_cell.length_a   67.774
_cell.length_b   77.661
_cell.length_c   123.481
_cell.angle_alpha   90.00
_cell.angle_beta   90.00
_cell.angle_gamma   90.00
#
_symmetry.space_group_name_H-M   'P 21 21 21'
#
loop_
_entity.id
_entity.type
_entity.pdbx_description
1 polymer Beta-glucosidase
2 non-polymer 2-acetamido-2-deoxy-beta-D-glucopyranose
3 non-polymer alpha-D-mannopyranose
4 water water
#
_entity_poly.entity_id   1
_entity_poly.type   'polypeptide(L)'
_entity_poly.pdbx_seq_one_letter_code
;PGDGDWAAAYKKATAALAKLSNTDKASIVTGVGWEKGPCVGNTAAVASIGLPELCYQDGPLGIRFVQNVTAFPTGIQTAS
TWDISLIYSRGLALGQEAKALGINVQLGPVAGPIGKIPEAGRNWEGFSPDPYLNGLAMSNTITGMQDAGVQACAKHFIGN
EQETNRDTMSSNIDDRTFHELYLWPFADAIKANVASIMCSYNKFNETYACENNFLTTILKGELDFQGFVVSDWAAQHTTI
GSANAGLDVAMPGDNFGDNYYLWGSNLLAAISNGTVAQSRLDDMVTRILASWYFVGQDQGYPAVTWSSWNGGLGGPNVQA
DHKQVARAIARDGIVLLTNKNKALPLKKPASLAIIGQDAIDNPAGINSCSDRGCDTGHLAMGWGSGTADFPYLVAPLDAI
TPLAQAQGTKLVLSTTDSTSAAASAAAAAETAIVFITADSGEGYITVDGQLGDRNSLAPWNNGTALVQAVASASKNVIVV
INSVGPLILEDILALSSVKAIVWAGVSGQESGNGLADILYGSVSPSGKLPYTIAKQASDYGTAIVPGDDNFPEGLFVDYR
HFDQANIQPRFEFGYGLSYTTFQYSQLTAKYSDTSAGSSTLAPGGPKGLYDIVATVTAKVTNSGTVSGAEVAQLYIGLPG
SAPASPPKQLRGFDKISLKPGKSGTVTFNLRRKDLSYWDTASAQWVTPTSGEFSLYVGASSRDIRLQGSLKCSGQGIRKG
GH
;
_entity_poly.pdbx_strand_id   A
#
loop_
_chem_comp.id
_chem_comp.type
_chem_comp.name
_chem_comp.formula
MAN D-saccharide, alpha linking alpha-D-mannopyranose 'C6 H12 O6'
NAG D-saccharide, beta linking 2-acetamido-2-deoxy-beta-D-glucopyranose 'C8 H15 N O6'
#
# COMPACT_ATOMS: atom_id res chain seq x y z
N PRO A 1 -29.37 -2.12 5.36
CA PRO A 1 -28.91 -1.08 6.31
C PRO A 1 -28.68 -1.61 7.73
N GLY A 2 -27.52 -1.30 8.32
CA GLY A 2 -27.17 -1.74 9.67
C GLY A 2 -26.66 -3.18 9.83
N ASP A 3 -26.48 -3.90 8.71
CA ASP A 3 -25.88 -5.26 8.72
C ASP A 3 -24.48 -5.28 9.38
N GLY A 4 -24.00 -6.46 9.83
CA GLY A 4 -22.68 -6.51 10.54
C GLY A 4 -22.69 -5.76 11.86
N ASP A 5 -21.67 -4.92 12.10
CA ASP A 5 -21.49 -4.14 13.31
C ASP A 5 -22.12 -2.69 13.32
N TRP A 6 -22.88 -2.40 12.29
CA TRP A 6 -23.32 -1.05 11.97
C TRP A 6 -24.75 -0.66 12.45
N ALA A 7 -25.40 -1.55 13.18
CA ALA A 7 -26.80 -1.33 13.51
C ALA A 7 -27.01 -0.10 14.43
N ALA A 8 -26.20 0.05 15.48
CA ALA A 8 -26.31 1.23 16.37
C ALA A 8 -25.98 2.51 15.66
N ALA A 9 -25.01 2.48 14.73
CA ALA A 9 -24.67 3.63 13.89
C ALA A 9 -25.80 4.05 13.00
N TYR A 10 -26.50 3.09 12.42
CA TYR A 10 -27.55 3.37 11.48
C TYR A 10 -28.78 3.95 12.24
N LYS A 11 -28.98 3.47 13.44
CA LYS A 11 -30.03 3.97 14.30
C LYS A 11 -29.81 5.47 14.58
N LYS A 12 -28.59 5.82 14.94
CA LYS A 12 -28.26 7.21 15.17
C LYS A 12 -28.40 8.01 13.86
N ALA A 13 -27.89 7.45 12.77
CA ALA A 13 -27.98 8.14 11.48
C ALA A 13 -29.41 8.37 11.06
N THR A 14 -30.26 7.35 11.18
CA THR A 14 -31.66 7.49 10.77
C THR A 14 -32.34 8.61 11.62
N ALA A 15 -32.03 8.66 12.90
CA ALA A 15 -32.60 9.69 13.77
C ALA A 15 -32.17 11.09 13.36
N ALA A 16 -30.89 11.27 13.04
CA ALA A 16 -30.42 12.54 12.54
C ALA A 16 -31.03 12.96 11.20
N LEU A 17 -31.12 12.01 10.27
CA LEU A 17 -31.69 12.26 8.95
C LEU A 17 -33.09 12.91 9.07
N ALA A 18 -33.86 12.42 10.03
CA ALA A 18 -35.23 12.89 10.23
C ALA A 18 -35.30 14.42 10.61
N LYS A 19 -34.23 14.99 11.08
CA LYS A 19 -34.20 16.41 11.41
C LYS A 19 -33.73 17.33 10.30
N LEU A 20 -33.41 16.78 9.15
CA LEU A 20 -32.72 17.56 8.11
C LEU A 20 -33.61 18.04 7.01
N SER A 21 -33.35 19.25 6.53
CA SER A 21 -33.99 19.68 5.30
C SER A 21 -33.27 19.12 4.09
N ASN A 22 -33.86 19.30 2.91
CA ASN A 22 -33.18 18.86 1.69
C ASN A 22 -31.96 19.70 1.41
N THR A 23 -31.99 20.99 1.74
CA THR A 23 -30.76 21.76 1.61
C THR A 23 -29.70 21.30 2.60
N ASP A 24 -30.07 20.91 3.82
CA ASP A 24 -29.08 20.30 4.76
C ASP A 24 -28.44 19.03 4.14
N LYS A 25 -29.31 18.18 3.61
CA LYS A 25 -28.90 16.89 2.98
C LYS A 25 -27.96 17.13 1.81
N ALA A 26 -28.32 18.06 0.96
CA ALA A 26 -27.45 18.41 -0.17
C ALA A 26 -26.08 18.89 0.28
N SER A 27 -26.02 19.61 1.38
CA SER A 27 -24.73 20.20 1.80
C SER A 27 -23.84 19.11 2.42
N ILE A 28 -24.43 18.00 2.88
CA ILE A 28 -23.70 16.89 3.44
C ILE A 28 -23.04 16.01 2.33
N VAL A 29 -23.60 16.04 1.12
CA VAL A 29 -23.17 15.17 0.08
C VAL A 29 -22.32 15.92 -0.96
N THR A 30 -22.26 17.24 -0.85
CA THR A 30 -21.65 18.06 -1.87
C THR A 30 -20.52 18.85 -1.26
N GLY A 31 -19.31 18.56 -1.75
CA GLY A 31 -18.14 19.28 -1.32
C GLY A 31 -18.32 20.78 -1.48
N VAL A 32 -17.64 21.54 -0.62
CA VAL A 32 -17.78 23.05 -0.65
C VAL A 32 -17.04 23.73 -1.80
N GLY A 33 -16.19 22.99 -2.49
CA GLY A 33 -15.38 23.56 -3.54
C GLY A 33 -13.90 23.37 -3.27
N TRP A 34 -13.11 23.26 -4.33
CA TRP A 34 -11.66 23.09 -4.20
C TRP A 34 -10.98 24.31 -3.52
N GLU A 35 -10.21 24.04 -2.45
CA GLU A 35 -9.55 25.02 -1.61
C GLU A 35 -10.43 25.99 -0.88
N LYS A 36 -11.74 25.78 -0.86
CA LYS A 36 -12.61 26.72 -0.17
C LYS A 36 -12.60 26.44 1.35
N GLY A 37 -12.67 25.16 1.75
CA GLY A 37 -12.38 24.77 3.09
C GLY A 37 -10.92 24.60 3.40
N PRO A 38 -10.59 24.31 4.66
CA PRO A 38 -9.20 24.23 5.03
C PRO A 38 -8.55 22.88 4.69
N CYS A 39 -9.37 21.88 4.49
CA CYS A 39 -8.90 20.52 4.19
C CYS A 39 -8.88 20.26 2.66
N VAL A 40 -8.34 19.11 2.27
CA VAL A 40 -8.29 18.71 0.88
C VAL A 40 -9.70 18.67 0.30
N GLY A 41 -10.64 18.30 1.15
CA GLY A 41 -12.09 18.35 0.87
C GLY A 41 -12.86 18.67 2.13
N ASN A 42 -13.96 19.39 1.98
CA ASN A 42 -14.88 19.62 3.12
C ASN A 42 -16.29 19.63 2.67
N THR A 43 -17.18 19.23 3.58
CA THR A 43 -18.57 19.56 3.45
C THR A 43 -18.95 20.57 4.56
N ALA A 44 -20.03 21.30 4.34
CA ALA A 44 -20.52 22.34 5.31
C ALA A 44 -21.02 21.72 6.65
N ALA A 45 -20.81 22.40 7.76
CA ALA A 45 -21.40 22.03 9.03
C ALA A 45 -22.94 22.04 8.95
N VAL A 46 -23.57 21.20 9.74
CA VAL A 46 -25.02 21.19 9.90
C VAL A 46 -25.26 21.27 11.40
N ALA A 47 -25.51 22.49 11.88
CA ALA A 47 -25.51 22.75 13.31
C ALA A 47 -26.68 22.05 13.99
N SER A 48 -27.79 21.84 13.28
CA SER A 48 -28.98 21.21 13.92
C SER A 48 -28.71 19.79 14.40
N ILE A 49 -27.70 19.10 13.85
CA ILE A 49 -27.36 17.77 14.36
C ILE A 49 -25.96 17.70 14.95
N GLY A 50 -25.32 18.89 15.12
CA GLY A 50 -23.97 18.95 15.69
C GLY A 50 -22.92 18.38 14.75
N LEU A 51 -23.20 18.36 13.45
CA LEU A 51 -22.24 17.84 12.49
C LEU A 51 -21.26 18.95 12.13
N PRO A 52 -19.97 18.72 12.30
CA PRO A 52 -19.00 19.75 11.89
C PRO A 52 -18.85 19.87 10.39
N GLU A 53 -18.01 20.81 9.97
CA GLU A 53 -17.60 20.91 8.62
C GLU A 53 -16.67 19.71 8.33
N LEU A 54 -17.21 18.59 7.83
CA LEU A 54 -16.41 17.37 7.71
C LEU A 54 -15.13 17.59 6.91
N CYS A 55 -14.01 17.09 7.44
CA CYS A 55 -12.66 17.38 6.93
C CYS A 55 -12.11 16.07 6.33
N TYR A 56 -11.82 16.12 5.02
CA TYR A 56 -11.23 15.01 4.30
C TYR A 56 -9.80 15.42 3.95
N GLN A 57 -8.83 14.62 4.39
CA GLN A 57 -7.44 15.00 4.25
C GLN A 57 -6.59 13.81 3.70
N ASP A 58 -5.74 14.13 2.73
CA ASP A 58 -4.68 13.18 2.28
C ASP A 58 -3.62 13.03 3.40
N GLY A 59 -2.82 11.99 3.40
CA GLY A 59 -2.90 10.89 2.44
C GLY A 59 -2.54 9.62 3.18
N PRO A 60 -2.22 8.55 2.44
CA PRO A 60 -2.01 7.23 3.06
C PRO A 60 -0.83 7.06 4.00
N LEU A 61 0.23 7.89 3.89
CA LEU A 61 1.44 7.66 4.66
C LEU A 61 1.72 8.78 5.65
N GLY A 62 0.78 9.69 5.77
CA GLY A 62 0.94 10.83 6.66
C GLY A 62 0.02 11.96 6.26
N ILE A 63 -0.10 12.94 7.16
CA ILE A 63 -1.04 14.05 6.91
C ILE A 63 -0.39 14.96 5.88
N ARG A 64 -1.07 15.16 4.76
CA ARG A 64 -0.58 16.05 3.72
C ARG A 64 -0.77 17.57 4.13
N PHE A 65 0.22 18.37 3.75
CA PHE A 65 0.28 19.85 3.88
C PHE A 65 0.63 20.33 5.31
N VAL A 66 0.01 19.75 6.31
CA VAL A 66 0.15 20.23 7.69
C VAL A 66 1.56 20.00 8.25
N GLN A 67 2.08 21.01 8.96
CA GLN A 67 3.36 20.91 9.55
C GLN A 67 3.29 20.13 10.89
N ASN A 68 4.47 19.69 11.33
CA ASN A 68 4.61 18.95 12.60
C ASN A 68 3.74 17.73 12.61
N VAL A 69 3.84 16.96 11.51
CA VAL A 69 3.25 15.65 11.43
C VAL A 69 4.38 14.63 11.06
N THR A 70 4.06 13.37 11.15
CA THR A 70 5.02 12.31 10.83
C THR A 70 4.90 11.92 9.35
N ALA A 71 6.04 11.74 8.69
CA ALA A 71 6.09 11.23 7.35
C ALA A 71 6.46 9.73 7.45
N PHE A 72 5.43 8.88 7.53
CA PHE A 72 5.59 7.48 7.72
C PHE A 72 6.14 6.84 6.45
N PRO A 73 6.69 5.63 6.56
CA PRO A 73 7.06 4.85 5.38
C PRO A 73 5.87 4.64 4.44
N THR A 74 6.19 4.46 3.20
CA THR A 74 5.21 4.17 2.13
C THR A 74 4.47 2.89 2.39
N GLY A 75 3.31 2.75 1.78
CA GLY A 75 2.56 1.52 1.81
C GLY A 75 3.41 0.32 1.45
N ILE A 76 4.20 0.44 0.39
CA ILE A 76 4.87 -0.74 -0.15
C ILE A 76 5.99 -1.15 0.77
N GLN A 77 6.64 -0.16 1.40
CA GLN A 77 7.66 -0.42 2.47
C GLN A 77 7.04 -1.10 3.65
N THR A 78 5.84 -0.66 4.01
CA THR A 78 5.06 -1.27 5.09
C THR A 78 4.71 -2.75 4.78
N ALA A 79 4.27 -3.00 3.55
CA ALA A 79 4.00 -4.41 3.11
C ALA A 79 5.24 -5.23 3.15
N SER A 80 6.37 -4.64 2.79
CA SER A 80 7.65 -5.33 2.75
C SER A 80 8.16 -5.87 4.08
N THR A 81 7.57 -5.37 5.19
CA THR A 81 7.88 -5.92 6.51
C THR A 81 7.26 -7.23 6.76
N TRP A 82 6.16 -7.52 6.03
CA TRP A 82 5.33 -8.70 6.23
C TRP A 82 4.96 -8.89 7.73
N ASP A 83 4.84 -7.75 8.45
CA ASP A 83 4.71 -7.76 9.94
C ASP A 83 3.37 -7.11 10.33
N ILE A 84 2.31 -7.90 10.53
CA ILE A 84 1.01 -7.29 10.80
C ILE A 84 0.96 -6.36 12.01
N SER A 85 1.85 -6.59 12.97
CA SER A 85 1.94 -5.76 14.14
C SER A 85 2.46 -4.39 13.80
N LEU A 86 3.45 -4.30 12.91
CA LEU A 86 3.95 -2.98 12.49
C LEU A 86 2.92 -2.30 11.62
N ILE A 87 2.22 -3.08 10.76
CA ILE A 87 1.26 -2.54 9.86
C ILE A 87 0.15 -1.88 10.71
N TYR A 88 -0.32 -2.62 11.73
CA TYR A 88 -1.37 -2.09 12.58
C TYR A 88 -0.89 -0.84 13.27
N SER A 89 0.32 -0.86 13.85
CA SER A 89 0.83 0.29 14.55
C SER A 89 1.01 1.57 13.70
N ARG A 90 1.44 1.44 12.46
CA ARG A 90 1.47 2.60 11.54
C ARG A 90 0.09 3.19 11.31
N GLY A 91 -0.92 2.33 11.22
CA GLY A 91 -2.27 2.83 11.04
C GLY A 91 -2.81 3.56 12.27
N LEU A 92 -2.55 2.96 13.41
CA LEU A 92 -2.89 3.61 14.70
C LEU A 92 -2.22 4.98 14.81
N ALA A 93 -0.92 5.01 14.50
CA ALA A 93 -0.17 6.25 14.65
C ALA A 93 -0.68 7.33 13.68
N LEU A 94 -0.98 6.94 12.44
CA LEU A 94 -1.55 7.89 11.47
C LEU A 94 -2.87 8.42 11.94
N GLY A 95 -3.72 7.49 12.34
CA GLY A 95 -5.04 7.89 12.80
C GLY A 95 -5.01 8.76 14.05
N GLN A 96 -4.09 8.48 14.96
CA GLN A 96 -3.86 9.41 16.10
C GLN A 96 -3.56 10.84 15.71
N GLU A 97 -2.68 10.99 14.73
CA GLU A 97 -2.37 12.31 14.22
C GLU A 97 -3.61 13.00 13.55
N ALA A 98 -4.30 12.25 12.68
CA ALA A 98 -5.45 12.74 11.95
C ALA A 98 -6.51 13.27 12.98
N LYS A 99 -6.87 12.43 13.97
CA LYS A 99 -7.85 12.83 14.96
C LYS A 99 -7.43 14.10 15.70
N ALA A 100 -6.16 14.13 16.11
CA ALA A 100 -5.67 15.23 16.92
C ALA A 100 -5.75 16.58 16.15
N LEU A 101 -5.64 16.52 14.80
CA LEU A 101 -5.87 17.64 13.92
C LEU A 101 -7.32 17.93 13.52
N GLY A 102 -8.27 17.10 13.95
CA GLY A 102 -9.66 17.29 13.70
C GLY A 102 -10.03 16.77 12.31
N ILE A 103 -9.16 15.96 11.72
CA ILE A 103 -9.46 15.34 10.40
C ILE A 103 -10.52 14.28 10.58
N ASN A 104 -11.63 14.41 9.84
CA ASN A 104 -12.65 13.38 9.94
C ASN A 104 -12.36 12.08 9.14
N VAL A 105 -11.93 12.27 7.90
CA VAL A 105 -11.68 11.19 6.95
C VAL A 105 -10.26 11.34 6.46
N GLN A 106 -9.45 10.34 6.74
CA GLN A 106 -8.07 10.28 6.25
C GLN A 106 -8.06 9.45 4.98
N LEU A 107 -7.49 10.00 3.89
CA LEU A 107 -7.70 9.41 2.56
C LEU A 107 -6.65 8.32 2.30
N GLY A 108 -6.82 7.19 2.98
CA GLY A 108 -6.07 5.95 2.69
C GLY A 108 -6.65 4.85 3.61
N PRO A 109 -6.16 3.62 3.48
CA PRO A 109 -5.07 3.19 2.67
C PRO A 109 -5.48 2.80 1.22
N VAL A 110 -4.47 2.39 0.46
CA VAL A 110 -4.62 2.17 -0.97
C VAL A 110 -4.65 0.70 -1.33
N ALA A 111 -5.84 0.23 -1.72
CA ALA A 111 -6.06 -1.12 -2.29
C ALA A 111 -6.01 -1.21 -3.81
N GLY A 112 -6.09 -0.06 -4.48
CA GLY A 112 -6.15 0.05 -5.97
C GLY A 112 -5.42 1.35 -6.33
N PRO A 113 -4.33 1.26 -7.08
CA PRO A 113 -3.77 0.09 -7.74
C PRO A 113 -3.15 -0.95 -6.76
N ILE A 114 -3.21 -2.21 -7.16
CA ILE A 114 -2.42 -3.25 -6.48
C ILE A 114 -0.98 -3.23 -7.02
N GLY A 115 -0.81 -2.77 -8.29
CA GLY A 115 0.48 -2.71 -8.92
C GLY A 115 0.78 -3.86 -9.90
N LYS A 116 -0.25 -4.29 -10.66
CA LYS A 116 -0.14 -5.32 -11.70
C LYS A 116 0.88 -4.93 -12.79
N ILE A 117 1.05 -3.62 -12.98
CA ILE A 117 2.03 -3.07 -13.96
C ILE A 117 3.20 -2.49 -13.21
N PRO A 118 4.37 -3.12 -13.33
CA PRO A 118 5.48 -2.73 -12.44
C PRO A 118 5.93 -1.25 -12.57
N GLU A 119 5.71 -0.68 -13.74
CA GLU A 119 6.06 0.70 -14.01
C GLU A 119 5.07 1.71 -13.43
N ALA A 120 3.87 1.27 -13.12
CA ALA A 120 2.84 2.21 -12.79
C ALA A 120 3.15 3.11 -11.59
N GLY A 121 2.77 4.36 -11.71
CA GLY A 121 3.45 5.38 -10.88
C GLY A 121 3.06 5.47 -9.40
N ARG A 122 1.91 4.91 -9.02
CA ARG A 122 1.45 5.03 -7.63
C ARG A 122 1.53 3.73 -6.83
N ASN A 123 2.20 2.74 -7.37
CA ASN A 123 2.16 1.40 -6.74
C ASN A 123 2.78 1.36 -5.35
N TRP A 124 3.79 2.16 -5.15
CA TRP A 124 4.38 2.44 -3.83
C TRP A 124 3.45 2.90 -2.72
N GLU A 125 2.33 3.51 -3.08
CA GLU A 125 1.35 3.89 -2.09
C GLU A 125 0.56 2.70 -1.54
N GLY A 126 0.53 1.63 -2.33
CA GLY A 126 -0.25 0.45 -2.06
C GLY A 126 0.48 -0.66 -1.31
N PHE A 127 -0.10 -1.87 -1.39
CA PHE A 127 0.24 -2.99 -0.53
C PHE A 127 0.50 -4.28 -1.31
N SER A 128 1.01 -4.10 -2.52
CA SER A 128 1.52 -5.23 -3.40
C SER A 128 0.52 -5.79 -4.38
N PRO A 129 1.04 -6.40 -5.47
CA PRO A 129 0.20 -7.11 -6.41
C PRO A 129 -0.21 -8.52 -6.00
N ASP A 130 0.05 -8.90 -4.74
CA ASP A 130 -0.53 -10.09 -4.15
C ASP A 130 -1.77 -9.75 -3.33
N PRO A 131 -2.94 -10.31 -3.71
CA PRO A 131 -4.13 -9.83 -3.07
C PRO A 131 -4.22 -10.22 -1.59
N TYR A 132 -3.62 -11.37 -1.18
CA TYR A 132 -3.72 -11.82 0.20
C TYR A 132 -2.91 -10.86 1.10
N LEU A 133 -1.64 -10.64 0.73
CA LEU A 133 -0.80 -9.70 1.49
C LEU A 133 -1.42 -8.33 1.55
N ASN A 134 -1.85 -7.89 0.37
CA ASN A 134 -2.53 -6.60 0.24
C ASN A 134 -3.72 -6.46 1.19
N GLY A 135 -4.61 -7.44 1.14
CA GLY A 135 -5.74 -7.53 2.06
C GLY A 135 -5.42 -7.53 3.55
N LEU A 136 -4.43 -8.31 4.03
CA LEU A 136 -3.98 -8.26 5.42
C LEU A 136 -3.40 -6.86 5.80
N ALA A 137 -2.66 -6.26 4.87
CA ALA A 137 -2.17 -4.92 5.11
C ALA A 137 -3.32 -3.89 5.21
N MET A 138 -4.30 -3.99 4.33
CA MET A 138 -5.48 -3.15 4.31
C MET A 138 -6.23 -3.25 5.64
N SER A 139 -6.51 -4.49 6.09
CA SER A 139 -7.33 -4.68 7.28
C SER A 139 -6.58 -4.25 8.52
N ASN A 140 -5.28 -4.50 8.60
CA ASN A 140 -4.57 -4.06 9.78
C ASN A 140 -4.39 -2.55 9.80
N THR A 141 -4.15 -1.93 8.64
CA THR A 141 -4.05 -0.45 8.58
C THR A 141 -5.36 0.27 8.96
N ILE A 142 -6.46 -0.20 8.42
CA ILE A 142 -7.77 0.35 8.67
C ILE A 142 -8.13 0.16 10.14
N THR A 143 -7.87 -1.01 10.67
CA THR A 143 -8.26 -1.27 12.09
C THR A 143 -7.45 -0.32 12.98
N GLY A 144 -6.19 -0.12 12.69
CA GLY A 144 -5.38 0.84 13.39
C GLY A 144 -5.93 2.24 13.32
N MET A 145 -6.14 2.71 12.12
CA MET A 145 -6.61 4.06 11.90
C MET A 145 -7.93 4.34 12.64
N GLN A 146 -8.87 3.44 12.45
CA GLN A 146 -10.19 3.60 13.02
C GLN A 146 -10.22 3.34 14.55
N ASP A 147 -9.33 2.48 15.03
CA ASP A 147 -9.16 2.38 16.49
C ASP A 147 -8.72 3.74 17.08
N ALA A 148 -7.92 4.55 16.35
CA ALA A 148 -7.52 5.89 16.77
C ALA A 148 -8.60 6.90 16.67
N GLY A 149 -9.68 6.58 15.96
CA GLY A 149 -10.86 7.42 15.91
C GLY A 149 -11.09 8.19 14.60
N VAL A 150 -10.23 7.97 13.58
CA VAL A 150 -10.46 8.63 12.28
C VAL A 150 -11.21 7.61 11.40
N GLN A 151 -11.98 8.12 10.43
CA GLN A 151 -12.57 7.27 9.38
C GLN A 151 -11.50 7.00 8.30
N ALA A 152 -11.25 5.77 7.97
CA ALA A 152 -10.36 5.45 6.88
C ALA A 152 -11.16 5.42 5.58
N CYS A 153 -10.45 5.47 4.47
CA CYS A 153 -10.99 5.55 3.14
C CYS A 153 -10.13 4.65 2.24
N ALA A 154 -10.64 3.47 1.96
CA ALA A 154 -10.02 2.60 1.00
C ALA A 154 -10.16 3.13 -0.43
N LYS A 155 -9.05 3.30 -1.10
CA LYS A 155 -9.08 3.94 -2.45
C LYS A 155 -8.13 3.15 -3.37
N HIS A 156 -8.25 3.19 -4.68
CA HIS A 156 -9.20 3.88 -5.51
C HIS A 156 -9.95 2.76 -6.25
N PHE A 157 -11.25 2.70 -6.03
CA PHE A 157 -12.08 1.66 -6.54
C PHE A 157 -12.54 2.01 -8.01
N ILE A 158 -12.05 1.35 -9.05
CA ILE A 158 -11.17 0.22 -9.05
C ILE A 158 -10.57 0.18 -10.50
N GLY A 159 -9.51 -0.62 -10.69
CA GLY A 159 -8.86 -0.73 -12.00
C GLY A 159 -8.02 0.45 -12.43
N ASN A 160 -7.62 1.31 -11.49
CA ASN A 160 -6.70 2.45 -11.81
C ASN A 160 -5.27 1.98 -11.65
N GLU A 161 -4.87 1.10 -12.55
CA GLU A 161 -3.58 0.39 -12.47
C GLU A 161 -2.47 1.14 -13.21
N GLN A 162 -2.78 2.27 -13.84
CA GLN A 162 -1.74 3.17 -14.42
C GLN A 162 -2.18 4.61 -14.37
N GLU A 163 -1.19 5.51 -14.34
CA GLU A 163 -1.45 6.95 -14.30
C GLU A 163 -1.67 7.54 -15.70
N THR A 164 -1.00 6.94 -16.69
CA THR A 164 -1.17 7.32 -18.07
C THR A 164 -2.65 7.22 -18.52
N ASN A 165 -3.20 8.36 -18.92
CA ASN A 165 -4.59 8.49 -19.35
C ASN A 165 -5.60 8.00 -18.33
N ARG A 166 -5.25 8.12 -17.06
CA ARG A 166 -6.09 7.59 -16.05
C ARG A 166 -7.49 8.16 -16.04
N ASP A 167 -7.71 9.35 -16.56
CA ASP A 167 -9.04 9.93 -16.49
C ASP A 167 -9.77 9.81 -17.79
N THR A 168 -9.26 8.97 -18.70
CA THR A 168 -10.07 8.68 -19.87
C THR A 168 -10.11 7.19 -20.26
N MET A 169 -9.06 6.46 -19.98
CA MET A 169 -9.00 5.09 -20.39
C MET A 169 -10.00 4.21 -19.63
N SER A 170 -10.32 3.06 -20.23
CA SER A 170 -11.15 2.06 -19.55
C SER A 170 -10.29 0.79 -19.20
N SER A 171 -10.52 0.28 -17.99
CA SER A 171 -10.11 -1.00 -17.55
C SER A 171 -11.34 -1.90 -17.64
N ASN A 172 -11.17 -3.00 -18.38
CA ASN A 172 -12.22 -3.93 -18.64
C ASN A 172 -11.71 -5.29 -18.13
N ILE A 173 -12.26 -5.71 -17.01
CA ILE A 173 -11.73 -6.83 -16.24
C ILE A 173 -12.76 -7.92 -16.18
N ASP A 174 -12.32 -9.14 -16.47
CA ASP A 174 -13.27 -10.25 -16.53
C ASP A 174 -13.71 -10.61 -15.13
N ASP A 175 -14.86 -11.26 -14.98
CA ASP A 175 -15.44 -11.49 -13.65
C ASP A 175 -14.56 -12.17 -12.63
N ARG A 176 -13.87 -13.20 -13.04
CA ARG A 176 -13.07 -13.99 -12.14
C ARG A 176 -11.89 -13.22 -11.68
N THR A 177 -11.15 -12.67 -12.63
CA THR A 177 -9.99 -11.82 -12.33
C THR A 177 -10.40 -10.68 -11.39
N PHE A 178 -11.56 -10.10 -11.67
CA PHE A 178 -12.08 -9.00 -10.83
C PHE A 178 -12.19 -9.44 -9.39
N HIS A 179 -12.87 -10.58 -9.16
CA HIS A 179 -13.09 -11.04 -7.78
C HIS A 179 -11.87 -11.61 -7.03
N GLU A 180 -11.02 -12.34 -7.74
CA GLU A 180 -9.88 -13.01 -7.10
C GLU A 180 -8.68 -12.15 -6.89
N LEU A 181 -8.57 -11.08 -7.66
CA LEU A 181 -7.37 -10.31 -7.68
C LEU A 181 -7.68 -8.86 -7.22
N TYR A 182 -8.32 -8.05 -8.06
CA TYR A 182 -8.45 -6.62 -7.79
C TYR A 182 -9.47 -6.26 -6.68
N LEU A 183 -10.57 -6.94 -6.64
CA LEU A 183 -11.57 -6.76 -5.55
C LEU A 183 -11.15 -7.24 -4.16
N TRP A 184 -10.30 -8.27 -4.15
CA TRP A 184 -10.02 -8.99 -2.95
C TRP A 184 -9.56 -8.07 -1.75
N PRO A 185 -8.64 -7.14 -2.00
CA PRO A 185 -8.30 -6.24 -0.89
C PRO A 185 -9.39 -5.29 -0.49
N PHE A 186 -10.25 -4.89 -1.44
CA PHE A 186 -11.40 -4.10 -1.05
C PHE A 186 -12.39 -4.89 -0.21
N ALA A 187 -12.54 -6.16 -0.52
CA ALA A 187 -13.43 -7.02 0.32
C ALA A 187 -12.88 -7.14 1.74
N ASP A 188 -11.56 -7.36 1.87
CA ASP A 188 -10.92 -7.37 3.22
C ASP A 188 -11.15 -6.02 3.96
N ALA A 189 -11.03 -4.95 3.23
CA ALA A 189 -11.24 -3.63 3.78
C ALA A 189 -12.66 -3.43 4.29
N ILE A 190 -13.63 -3.77 3.50
CA ILE A 190 -15.01 -3.77 3.93
C ILE A 190 -15.31 -4.66 5.16
N LYS A 191 -14.84 -5.89 5.15
CA LYS A 191 -14.89 -6.77 6.35
C LYS A 191 -14.28 -6.13 7.57
N ALA A 192 -13.19 -5.36 7.40
CA ALA A 192 -12.64 -4.67 8.53
C ALA A 192 -13.39 -3.35 8.91
N ASN A 193 -14.57 -3.13 8.33
CA ASN A 193 -15.47 -1.98 8.69
C ASN A 193 -14.91 -0.66 8.29
N VAL A 194 -14.16 -0.66 7.20
CA VAL A 194 -13.77 0.63 6.57
C VAL A 194 -14.97 1.59 6.43
N ALA A 195 -14.74 2.83 6.86
CA ALA A 195 -15.83 3.84 6.87
C ALA A 195 -16.26 4.34 5.51
N SER A 196 -15.28 4.40 4.58
CA SER A 196 -15.52 4.99 3.25
C SER A 196 -14.65 4.33 2.18
N ILE A 197 -15.07 4.46 0.95
CA ILE A 197 -14.30 3.96 -0.19
C ILE A 197 -14.37 5.03 -1.23
N MET A 198 -13.26 5.29 -1.91
CA MET A 198 -13.22 6.33 -2.92
C MET A 198 -13.27 5.68 -4.31
N CYS A 199 -14.12 6.18 -5.19
CA CYS A 199 -14.15 5.67 -6.54
C CYS A 199 -13.13 6.37 -7.44
N SER A 200 -12.70 5.68 -8.52
CA SER A 200 -11.51 6.07 -9.27
C SER A 200 -11.74 6.98 -10.44
N TYR A 201 -10.66 7.53 -11.01
CA TYR A 201 -10.78 8.37 -12.20
C TYR A 201 -11.09 7.62 -13.53
N ASN A 202 -10.76 6.33 -13.62
CA ASN A 202 -10.77 5.66 -14.90
C ASN A 202 -12.16 5.15 -15.18
N LYS A 203 -12.42 4.80 -16.45
CA LYS A 203 -13.62 4.06 -16.75
C LYS A 203 -13.39 2.61 -16.35
N PHE A 204 -14.44 1.96 -15.92
CA PHE A 204 -14.49 0.52 -15.76
C PHE A 204 -15.57 -0.05 -16.72
N ASN A 205 -15.22 -0.99 -17.57
CA ASN A 205 -16.18 -1.56 -18.54
C ASN A 205 -16.88 -0.44 -19.27
N GLU A 206 -16.09 0.55 -19.60
CA GLU A 206 -16.45 1.72 -20.43
C GLU A 206 -17.31 2.80 -19.79
N THR A 207 -17.55 2.71 -18.49
CA THR A 207 -18.24 3.76 -17.75
C THR A 207 -17.38 4.24 -16.56
N TYR A 208 -17.20 5.53 -16.44
CA TYR A 208 -16.42 6.14 -15.31
C TYR A 208 -16.84 5.48 -13.99
N ALA A 209 -15.85 5.13 -13.18
CA ALA A 209 -16.08 4.44 -11.92
C ALA A 209 -17.08 5.16 -11.02
N CYS A 210 -17.02 6.49 -10.94
CA CYS A 210 -17.95 7.26 -10.08
C CYS A 210 -19.35 7.45 -10.69
N GLU A 211 -19.54 6.90 -11.89
CA GLU A 211 -20.82 6.90 -12.64
C GLU A 211 -21.32 5.53 -12.91
N ASN A 212 -20.66 4.53 -12.33
CA ASN A 212 -20.86 3.13 -12.66
C ASN A 212 -21.66 2.46 -11.59
N ASN A 213 -22.75 1.80 -12.01
CA ASN A 213 -23.63 1.18 -11.06
C ASN A 213 -22.97 0.09 -10.22
N PHE A 214 -21.77 -0.36 -10.56
CA PHE A 214 -21.04 -1.28 -9.67
C PHE A 214 -20.75 -0.82 -8.26
N LEU A 215 -20.83 0.47 -8.05
CA LEU A 215 -20.79 1.00 -6.68
C LEU A 215 -21.93 0.44 -5.89
N THR A 216 -23.09 0.30 -6.52
CA THR A 216 -24.24 -0.25 -5.83
C THR A 216 -24.24 -1.78 -5.86
N THR A 217 -23.99 -2.39 -7.05
CA THR A 217 -24.15 -3.86 -7.19
C THR A 217 -23.01 -4.66 -6.56
N ILE A 218 -21.77 -4.14 -6.64
CA ILE A 218 -20.63 -4.86 -6.06
C ILE A 218 -20.35 -4.39 -4.62
N LEU A 219 -20.01 -3.10 -4.43
CA LEU A 219 -19.63 -2.65 -3.09
C LEU A 219 -20.82 -2.80 -2.11
N LYS A 220 -21.95 -2.16 -2.44
CA LYS A 220 -23.07 -2.14 -1.51
C LYS A 220 -23.95 -3.39 -1.55
N GLY A 221 -23.93 -4.12 -2.67
CA GLY A 221 -24.75 -5.36 -2.83
C GLY A 221 -23.95 -6.61 -2.42
N GLU A 222 -23.06 -7.04 -3.30
CA GLU A 222 -22.30 -8.24 -3.10
C GLU A 222 -21.55 -8.18 -1.77
N LEU A 223 -20.90 -7.07 -1.51
CA LEU A 223 -20.06 -6.92 -0.36
C LEU A 223 -20.78 -6.23 0.86
N ASP A 224 -22.05 -5.81 0.69
CA ASP A 224 -22.84 -5.29 1.78
C ASP A 224 -22.15 -4.18 2.56
N PHE A 225 -21.48 -3.30 1.81
CA PHE A 225 -20.77 -2.22 2.41
C PHE A 225 -21.78 -1.23 3.05
N GLN A 226 -21.54 -0.89 4.31
CA GLN A 226 -22.45 -0.03 5.08
C GLN A 226 -22.03 1.44 5.16
N GLY A 227 -20.78 1.77 4.78
CA GLY A 227 -20.34 3.13 4.68
C GLY A 227 -20.71 3.87 3.39
N PHE A 228 -19.89 4.84 3.06
CA PHE A 228 -20.18 5.77 2.03
C PHE A 228 -19.05 5.79 1.00
N VAL A 229 -19.44 6.07 -0.23
CA VAL A 229 -18.50 6.21 -1.37
C VAL A 229 -18.27 7.67 -1.69
N VAL A 230 -16.98 8.05 -1.78
CA VAL A 230 -16.60 9.40 -2.08
C VAL A 230 -15.88 9.43 -3.43
N SER A 231 -16.04 10.51 -4.19
CA SER A 231 -15.34 10.57 -5.45
C SER A 231 -13.90 10.88 -5.30
N ASP A 232 -13.10 10.36 -6.26
CA ASP A 232 -11.81 10.96 -6.41
C ASP A 232 -12.07 12.40 -6.88
N TRP A 233 -11.01 13.23 -6.83
CA TRP A 233 -11.20 14.65 -6.89
C TRP A 233 -11.55 15.05 -8.32
N ALA A 234 -12.78 15.54 -8.44
CA ALA A 234 -13.41 15.90 -9.71
C ALA A 234 -13.58 14.67 -10.62
N ALA A 235 -13.82 13.49 -10.02
CA ALA A 235 -14.02 12.25 -10.79
C ALA A 235 -15.53 12.07 -11.06
N GLN A 236 -16.38 12.99 -10.54
CA GLN A 236 -17.82 12.94 -10.83
C GLN A 236 -18.01 13.61 -12.22
N HIS A 237 -18.88 13.07 -13.05
CA HIS A 237 -19.10 13.56 -14.41
C HIS A 237 -20.48 14.08 -14.64
N THR A 238 -21.49 13.50 -14.02
CA THR A 238 -22.87 13.95 -14.20
C THR A 238 -23.61 14.06 -12.89
N THR A 239 -24.66 14.87 -12.87
CA THR A 239 -25.53 14.94 -11.70
C THR A 239 -26.25 13.58 -11.44
N ILE A 240 -27.00 13.15 -12.45
CA ILE A 240 -27.94 12.04 -12.31
C ILE A 240 -27.16 10.71 -12.31
N GLY A 241 -26.18 10.58 -13.21
CA GLY A 241 -25.41 9.33 -13.33
C GLY A 241 -24.78 8.91 -12.05
N SER A 242 -24.06 9.85 -11.43
CA SER A 242 -23.35 9.54 -10.22
C SER A 242 -24.29 9.19 -9.07
N ALA A 243 -25.29 10.03 -8.80
CA ALA A 243 -26.27 9.73 -7.75
C ALA A 243 -26.83 8.32 -7.91
N ASN A 244 -27.31 8.05 -9.10
CA ASN A 244 -28.04 6.77 -9.37
C ASN A 244 -27.14 5.56 -9.37
N ALA A 245 -25.86 5.80 -9.60
CA ALA A 245 -24.86 4.72 -9.56
C ALA A 245 -24.47 4.32 -8.19
N GLY A 246 -24.67 5.22 -7.23
CA GLY A 246 -24.39 4.98 -5.85
C GLY A 246 -23.28 5.80 -5.21
N LEU A 247 -22.87 6.88 -5.83
CA LEU A 247 -21.94 7.80 -5.24
C LEU A 247 -22.67 8.45 -4.03
N ASP A 248 -21.92 8.73 -2.96
CA ASP A 248 -22.50 9.40 -1.76
C ASP A 248 -21.96 10.77 -1.48
N VAL A 249 -20.72 11.02 -1.84
CA VAL A 249 -20.11 12.32 -1.61
C VAL A 249 -19.27 12.77 -2.81
N ALA A 250 -19.51 14.00 -3.27
CA ALA A 250 -18.81 14.55 -4.41
C ALA A 250 -17.72 15.48 -3.96
N MET A 251 -16.47 15.10 -4.21
CA MET A 251 -15.36 15.93 -3.82
C MET A 251 -14.54 16.36 -5.04
N PRO A 252 -13.91 17.57 -5.04
CA PRO A 252 -14.07 18.56 -3.93
C PRO A 252 -15.37 19.30 -3.93
N GLY A 253 -16.28 18.93 -4.88
CA GLY A 253 -17.62 19.52 -5.04
C GLY A 253 -17.79 20.24 -6.38
N ASP A 254 -16.76 21.00 -6.78
CA ASP A 254 -16.69 21.61 -8.08
C ASP A 254 -15.55 21.00 -8.89
N ASN A 255 -15.35 21.50 -10.10
CA ASN A 255 -14.28 20.93 -10.91
C ASN A 255 -12.98 21.66 -10.63
N PHE A 256 -12.30 21.26 -9.54
CA PHE A 256 -11.05 21.87 -9.07
C PHE A 256 -11.12 23.37 -9.10
N GLY A 257 -12.19 23.89 -8.51
CA GLY A 257 -12.22 25.31 -8.23
C GLY A 257 -12.99 26.19 -9.19
N ASP A 258 -13.74 25.57 -10.10
CA ASP A 258 -14.55 26.32 -11.10
C ASP A 258 -15.89 26.86 -10.63
N ASN A 259 -16.27 26.52 -9.38
CA ASN A 259 -17.45 27.05 -8.74
C ASN A 259 -18.66 26.52 -9.40
N TYR A 260 -18.55 25.37 -10.08
CA TYR A 260 -19.74 24.75 -10.66
C TYR A 260 -19.93 23.38 -9.97
N TYR A 261 -21.14 23.13 -9.48
CA TYR A 261 -21.45 22.00 -8.62
C TYR A 261 -22.52 21.08 -9.27
N LEU A 262 -22.09 19.90 -9.66
CA LEU A 262 -23.04 18.94 -10.31
C LEU A 262 -24.07 18.46 -9.34
N TRP A 263 -23.76 18.53 -8.06
CA TRP A 263 -24.76 18.22 -7.01
C TRP A 263 -25.23 19.56 -6.35
N GLY A 264 -25.19 19.76 -5.04
CA GLY A 264 -25.73 21.00 -4.51
C GLY A 264 -27.21 21.17 -4.96
N SER A 265 -27.55 22.39 -5.37
CA SER A 265 -28.89 22.70 -5.91
C SER A 265 -29.18 21.90 -7.15
N ASN A 266 -28.18 21.62 -7.96
CA ASN A 266 -28.41 20.72 -9.08
C ASN A 266 -28.95 19.34 -8.72
N LEU A 267 -28.49 18.71 -7.64
CA LEU A 267 -29.04 17.43 -7.21
C LEU A 267 -30.49 17.57 -6.73
N LEU A 268 -30.78 18.64 -6.00
CA LEU A 268 -32.19 18.93 -5.57
C LEU A 268 -33.10 19.13 -6.78
N ALA A 269 -32.59 19.77 -7.81
CA ALA A 269 -33.30 19.89 -9.08
C ALA A 269 -33.59 18.51 -9.70
N ALA A 270 -32.62 17.59 -9.67
CA ALA A 270 -32.79 16.27 -10.26
C ALA A 270 -33.89 15.51 -9.47
N ILE A 271 -33.98 15.78 -8.18
CA ILE A 271 -34.99 15.10 -7.39
C ILE A 271 -36.35 15.69 -7.76
N SER A 272 -36.40 17.01 -7.82
CA SER A 272 -37.64 17.76 -8.16
C SER A 272 -38.15 17.36 -9.51
N ASN A 273 -37.22 17.15 -10.45
CA ASN A 273 -37.66 16.76 -11.80
C ASN A 273 -37.81 15.24 -12.07
N GLY A 274 -37.68 14.42 -11.05
CA GLY A 274 -38.00 12.99 -11.09
C GLY A 274 -36.89 12.11 -11.59
N THR A 275 -35.69 12.61 -11.83
CA THR A 275 -34.62 11.77 -12.43
C THR A 275 -33.75 11.07 -11.35
N VAL A 276 -33.76 11.59 -10.13
CA VAL A 276 -33.11 10.97 -8.95
C VAL A 276 -34.18 10.88 -7.85
N ALA A 277 -34.30 9.75 -7.21
CA ALA A 277 -35.21 9.57 -6.12
C ALA A 277 -34.75 10.25 -4.84
N GLN A 278 -35.68 10.89 -4.16
CA GLN A 278 -35.41 11.36 -2.78
C GLN A 278 -34.75 10.29 -1.94
N SER A 279 -35.19 9.03 -2.06
CA SER A 279 -34.64 7.95 -1.31
C SER A 279 -33.10 7.76 -1.52
N ARG A 280 -32.65 8.15 -2.70
CA ARG A 280 -31.23 8.02 -3.05
C ARG A 280 -30.43 9.04 -2.25
N LEU A 281 -30.87 10.27 -2.24
CA LEU A 281 -30.19 11.29 -1.36
C LEU A 281 -30.25 10.93 0.15
N ASP A 282 -31.40 10.45 0.60
CA ASP A 282 -31.57 10.02 1.96
C ASP A 282 -30.59 8.91 2.27
N ASP A 283 -30.39 8.00 1.32
CA ASP A 283 -29.50 6.87 1.51
C ASP A 283 -28.06 7.38 1.63
N MET A 284 -27.69 8.36 0.81
CA MET A 284 -26.34 8.94 0.83
C MET A 284 -26.02 9.52 2.19
N VAL A 285 -26.92 10.33 2.71
CA VAL A 285 -26.77 10.94 4.03
C VAL A 285 -26.77 9.99 5.15
N THR A 286 -27.65 8.98 5.11
CA THR A 286 -27.68 7.97 6.10
C THR A 286 -26.31 7.28 6.22
N ARG A 287 -25.70 7.00 5.07
CA ARG A 287 -24.43 6.31 5.02
C ARG A 287 -23.28 7.18 5.61
N ILE A 288 -23.19 8.43 5.17
CA ILE A 288 -22.17 9.39 5.62
C ILE A 288 -22.25 9.57 7.15
N LEU A 289 -23.47 9.76 7.63
CA LEU A 289 -23.69 9.93 9.09
C LEU A 289 -23.41 8.61 9.82
N ALA A 290 -23.81 7.46 9.24
CA ALA A 290 -23.54 6.18 9.89
C ALA A 290 -22.01 6.03 10.16
N SER A 291 -21.20 6.32 9.17
CA SER A 291 -19.76 6.20 9.29
C SER A 291 -19.17 7.13 10.36
N TRP A 292 -19.70 8.35 10.40
CA TRP A 292 -19.41 9.34 11.45
C TRP A 292 -19.68 8.82 12.85
N TYR A 293 -20.90 8.32 13.03
CA TYR A 293 -21.29 7.72 14.31
C TYR A 293 -20.54 6.43 14.58
N PHE A 294 -20.32 5.62 13.53
CA PHE A 294 -19.63 4.32 13.69
C PHE A 294 -18.26 4.41 14.35
N VAL A 295 -17.44 5.34 13.92
CA VAL A 295 -16.17 5.59 14.58
C VAL A 295 -16.22 6.56 15.78
N GLY A 296 -17.42 7.04 16.15
CA GLY A 296 -17.64 7.85 17.36
C GLY A 296 -17.22 9.31 17.27
N GLN A 297 -17.27 9.89 16.08
CA GLN A 297 -16.81 11.25 15.94
C GLN A 297 -17.83 12.35 16.39
N ASP A 298 -19.02 11.91 16.76
CA ASP A 298 -20.11 12.81 17.08
C ASP A 298 -19.98 13.38 18.46
N GLN A 299 -19.12 12.80 19.29
CA GLN A 299 -18.85 13.32 20.65
C GLN A 299 -17.37 13.60 20.79
N GLY A 300 -17.02 14.84 21.07
CA GLY A 300 -15.71 15.17 21.63
C GLY A 300 -14.57 15.07 20.62
N TYR A 301 -14.88 15.25 19.34
CA TYR A 301 -13.79 15.32 18.34
C TYR A 301 -13.10 16.65 18.29
N PRO A 302 -11.78 16.65 18.10
CA PRO A 302 -11.11 17.97 17.88
C PRO A 302 -11.56 18.79 16.66
N ALA A 303 -11.33 20.09 16.75
CA ALA A 303 -11.65 21.06 15.69
C ALA A 303 -10.44 21.23 14.78
N VAL A 304 -10.62 21.65 13.52
CA VAL A 304 -9.53 21.99 12.63
C VAL A 304 -9.14 23.44 12.93
N THR A 305 -7.88 23.72 13.24
CA THR A 305 -7.40 25.11 13.49
C THR A 305 -6.28 25.50 12.55
N TRP A 306 -6.16 24.75 11.46
CA TRP A 306 -5.09 24.94 10.53
C TRP A 306 -5.69 25.04 9.09
N SER A 307 -4.85 25.38 8.13
CA SER A 307 -5.26 25.30 6.70
C SER A 307 -4.24 24.56 5.90
N SER A 308 -4.74 23.79 4.90
CA SER A 308 -3.87 23.21 3.87
C SER A 308 -3.16 24.24 3.02
N TRP A 309 -3.70 25.46 2.95
CA TRP A 309 -3.32 26.39 1.87
C TRP A 309 -2.48 27.59 2.42
N ASN A 310 -2.20 27.59 3.73
CA ASN A 310 -1.42 28.72 4.34
C ASN A 310 -0.05 28.30 4.77
N GLY A 311 0.40 27.15 4.25
CA GLY A 311 1.67 26.50 4.61
C GLY A 311 1.48 25.36 5.58
N GLY A 312 0.23 25.04 5.92
CA GLY A 312 -0.05 23.96 6.86
C GLY A 312 0.08 24.37 8.30
N LEU A 313 -0.24 25.64 8.55
CA LEU A 313 0.04 26.26 9.87
C LEU A 313 -1.22 26.44 10.65
N GLY A 314 -1.07 26.44 11.97
CA GLY A 314 -2.14 26.76 12.91
C GLY A 314 -2.50 25.60 13.84
N GLY A 315 -2.06 24.40 13.51
CA GLY A 315 -2.33 23.22 14.32
C GLY A 315 -1.33 22.86 15.43
N PRO A 316 -1.70 21.93 16.31
CA PRO A 316 -0.72 21.50 17.33
C PRO A 316 0.35 20.53 16.74
N ASN A 317 1.42 20.32 17.49
CA ASN A 317 2.41 19.36 17.04
C ASN A 317 1.87 18.01 17.43
N VAL A 318 1.56 17.18 16.45
CA VAL A 318 0.92 15.90 16.76
C VAL A 318 1.87 14.70 16.60
N GLN A 319 3.17 14.90 16.44
CA GLN A 319 4.11 13.80 16.14
C GLN A 319 4.18 12.75 17.22
N ALA A 320 4.00 13.17 18.47
CA ALA A 320 4.02 12.26 19.59
C ALA A 320 5.30 11.37 19.48
N ASP A 321 5.19 10.06 19.73
CA ASP A 321 6.30 9.12 19.68
C ASP A 321 6.23 8.30 18.38
N HIS A 322 5.58 8.86 17.35
CA HIS A 322 5.32 8.07 16.12
C HIS A 322 6.53 7.80 15.29
N LYS A 323 7.66 8.45 15.58
CA LYS A 323 8.88 8.12 14.85
C LYS A 323 9.33 6.68 15.14
N GLN A 324 8.82 6.10 16.21
CA GLN A 324 9.33 4.75 16.64
C GLN A 324 8.87 3.71 15.62
N VAL A 325 7.58 3.73 15.35
CA VAL A 325 7.05 2.80 14.33
C VAL A 325 7.57 3.17 12.96
N ALA A 326 7.77 4.47 12.67
CA ALA A 326 8.36 4.88 11.42
C ALA A 326 9.79 4.26 11.22
N ARG A 327 10.60 4.29 12.27
CA ARG A 327 11.91 3.68 12.22
C ARG A 327 11.82 2.15 12.11
N ALA A 328 10.92 1.51 12.84
CA ALA A 328 10.85 0.08 12.81
C ALA A 328 10.47 -0.46 11.41
N ILE A 329 9.58 0.23 10.71
CA ILE A 329 9.25 -0.14 9.32
C ILE A 329 10.33 0.22 8.33
N ALA A 330 11.00 1.36 8.48
CA ALA A 330 12.14 1.72 7.64
C ALA A 330 13.21 0.66 7.77
N ARG A 331 13.35 0.10 8.96
CA ARG A 331 14.33 -0.96 9.18
C ARG A 331 13.86 -2.33 8.69
N ASP A 332 12.71 -2.76 9.19
CA ASP A 332 12.29 -4.13 9.01
C ASP A 332 11.67 -4.41 7.65
N GLY A 333 11.45 -3.40 6.80
CA GLY A 333 11.01 -3.63 5.45
C GLY A 333 12.13 -3.63 4.43
N ILE A 334 13.35 -3.31 4.87
CA ILE A 334 14.54 -3.49 4.02
C ILE A 334 14.68 -4.95 3.60
N VAL A 335 14.99 -5.21 2.32
CA VAL A 335 15.19 -6.54 1.86
C VAL A 335 16.65 -6.69 1.44
N LEU A 336 17.38 -7.61 2.05
CA LEU A 336 18.71 -7.95 1.58
C LEU A 336 18.66 -8.88 0.39
N LEU A 337 19.20 -8.45 -0.76
CA LEU A 337 19.15 -9.26 -1.99
C LEU A 337 20.34 -10.14 -2.28
N THR A 338 21.53 -9.63 -2.00
CA THR A 338 22.77 -10.43 -2.17
C THR A 338 23.67 -10.03 -1.03
N ASN A 339 24.57 -10.94 -0.61
CA ASN A 339 25.56 -10.64 0.38
C ASN A 339 26.66 -11.73 0.31
N LYS A 340 27.70 -11.47 -0.40
CA LYS A 340 28.77 -12.44 -0.63
C LYS A 340 29.78 -12.44 0.50
N ASN A 341 30.09 -13.67 1.00
CA ASN A 341 30.80 -13.97 2.28
C ASN A 341 30.82 -12.85 3.24
N LYS A 342 29.61 -12.49 3.61
CA LYS A 342 29.39 -11.69 4.78
C LYS A 342 29.99 -10.32 4.62
N ALA A 343 29.89 -9.79 3.41
CA ALA A 343 30.17 -8.38 3.16
C ALA A 343 29.46 -7.52 4.22
N LEU A 344 28.21 -7.86 4.51
CA LEU A 344 27.46 -7.20 5.52
C LEU A 344 27.12 -8.20 6.64
N PRO A 345 26.99 -7.70 7.85
CA PRO A 345 27.10 -6.29 8.18
C PRO A 345 28.56 -5.78 8.18
N LEU A 346 28.68 -4.47 8.13
CA LEU A 346 29.99 -3.83 8.23
C LEU A 346 30.62 -4.07 9.59
N LYS A 347 31.93 -4.09 9.63
CA LYS A 347 32.62 -4.45 10.87
C LYS A 347 33.98 -3.76 10.92
N LYS A 348 33.98 -2.50 11.29
CA LYS A 348 35.22 -1.76 11.51
C LYS A 348 36.10 -1.60 10.30
N PRO A 349 35.49 -1.26 9.16
CA PRO A 349 36.37 -1.02 7.99
C PRO A 349 37.30 0.19 8.22
N ALA A 350 38.46 0.22 7.58
CA ALA A 350 39.46 1.28 7.82
C ALA A 350 38.96 2.53 7.13
N SER A 351 38.27 2.35 6.00
CA SER A 351 37.79 3.48 5.21
C SER A 351 36.57 3.05 4.41
N LEU A 352 35.71 4.03 4.08
CA LEU A 352 34.42 3.78 3.41
C LEU A 352 34.12 4.94 2.50
N ALA A 353 33.97 4.71 1.22
CA ALA A 353 33.51 5.74 0.30
C ALA A 353 31.97 5.76 0.30
N ILE A 354 31.40 6.97 0.23
CA ILE A 354 29.91 7.17 0.29
C ILE A 354 29.54 7.92 -0.99
N ILE A 355 28.83 7.24 -1.91
CA ILE A 355 28.69 7.69 -3.27
C ILE A 355 27.22 7.79 -3.69
N GLY A 356 26.86 8.90 -4.33
CA GLY A 356 25.51 9.09 -4.83
C GLY A 356 24.81 10.16 -4.08
N GLN A 357 23.99 10.93 -4.79
CA GLN A 357 23.25 12.00 -4.16
C GLN A 357 22.17 11.43 -3.26
N ASP A 358 21.75 10.19 -3.49
CA ASP A 358 20.81 9.49 -2.60
C ASP A 358 21.35 9.31 -1.16
N ALA A 359 22.62 9.58 -0.89
CA ALA A 359 23.17 9.41 0.42
C ALA A 359 22.88 10.56 1.39
N ILE A 360 22.52 11.70 0.82
CA ILE A 360 22.34 12.96 1.56
C ILE A 360 20.99 13.59 1.30
N ASP A 361 20.53 14.39 2.26
CA ASP A 361 19.28 15.11 2.07
C ASP A 361 19.44 16.09 0.87
N ASN A 362 18.34 16.32 0.19
CA ASN A 362 18.26 17.25 -0.93
C ASN A 362 18.85 18.57 -0.47
N PRO A 363 19.94 19.04 -1.12
CA PRO A 363 20.62 20.27 -0.69
C PRO A 363 19.70 21.50 -0.75
N ALA A 364 18.69 21.51 -1.61
CA ALA A 364 17.75 22.64 -1.68
C ALA A 364 16.71 22.60 -0.57
N GLY A 365 16.61 21.49 0.16
CA GLY A 365 15.61 21.32 1.20
C GLY A 365 14.73 20.07 0.98
N ILE A 366 14.45 19.34 2.08
CA ILE A 366 13.83 18.03 1.97
C ILE A 366 12.38 18.17 1.49
N ASN A 367 11.77 19.36 1.74
CA ASN A 367 10.41 19.66 1.26
C ASN A 367 10.37 20.72 0.17
N SER A 368 11.50 20.90 -0.55
CA SER A 368 11.60 21.90 -1.55
C SER A 368 10.94 21.60 -2.85
N CYS A 369 10.50 20.37 -3.12
CA CYS A 369 9.80 20.11 -4.40
C CYS A 369 8.38 19.89 -4.04
N SER A 370 7.48 20.58 -4.74
CA SER A 370 6.06 20.53 -4.47
C SER A 370 5.57 19.08 -4.61
N ASP A 371 4.82 18.60 -3.62
CA ASP A 371 4.30 17.23 -3.62
C ASP A 371 5.39 16.17 -3.85
N ARG A 372 6.62 16.47 -3.45
CA ARG A 372 7.84 15.59 -3.57
C ARG A 372 8.12 15.25 -5.03
N GLY A 373 7.78 16.17 -5.92
CA GLY A 373 7.93 16.00 -7.38
C GLY A 373 9.33 16.22 -7.88
N CYS A 374 10.28 15.51 -7.32
CA CYS A 374 11.58 15.38 -7.89
C CYS A 374 12.25 14.14 -7.27
N ASP A 375 13.36 13.69 -7.88
CA ASP A 375 14.19 12.62 -7.31
C ASP A 375 15.60 13.18 -7.10
N THR A 376 15.73 14.06 -6.14
CA THR A 376 16.95 14.82 -5.88
C THR A 376 17.29 14.60 -4.43
N GLY A 377 18.54 14.30 -4.14
CA GLY A 377 18.88 13.81 -2.84
C GLY A 377 18.18 12.50 -2.43
N HIS A 378 18.27 12.18 -1.14
CA HIS A 378 17.70 10.99 -0.56
C HIS A 378 16.23 10.82 -0.84
N LEU A 379 15.88 9.67 -1.39
CA LEU A 379 14.54 9.41 -1.79
C LEU A 379 13.79 8.62 -0.69
N ALA A 380 12.68 9.18 -0.18
CA ALA A 380 11.99 8.53 0.94
C ALA A 380 10.50 8.48 0.80
N MET A 381 10.04 8.91 -0.38
CA MET A 381 8.62 9.04 -0.69
C MET A 381 8.57 9.24 -2.24
N GLY A 382 7.63 8.63 -2.93
CA GLY A 382 7.19 9.09 -4.27
C GLY A 382 6.39 10.39 -4.32
N TRP A 383 5.87 10.77 -5.50
CA TRP A 383 5.25 12.10 -5.60
C TRP A 383 3.76 12.01 -5.81
N GLY A 384 3.11 13.14 -5.55
CA GLY A 384 1.67 13.26 -5.75
C GLY A 384 0.92 13.57 -4.47
N SER A 385 -0.35 13.13 -4.41
CA SER A 385 -1.20 13.38 -3.28
C SER A 385 -0.90 12.52 -2.09
N GLY A 386 -0.25 11.38 -2.32
CA GLY A 386 0.10 10.42 -1.22
C GLY A 386 1.39 10.75 -0.47
N THR A 387 1.51 12.01 -0.12
CA THR A 387 2.70 12.62 0.45
C THR A 387 2.42 13.36 1.73
N ALA A 388 3.50 13.84 2.33
CA ALA A 388 3.51 14.65 3.55
C ALA A 388 4.82 15.44 3.53
N ASP A 389 4.87 16.49 4.35
CA ASP A 389 6.08 17.31 4.53
C ASP A 389 6.88 16.59 5.59
N PHE A 390 8.16 16.32 5.32
CA PHE A 390 9.01 15.69 6.29
C PHE A 390 9.25 16.66 7.43
N PRO A 391 9.09 16.22 8.70
CA PRO A 391 9.55 17.09 9.82
C PRO A 391 11.09 17.12 9.89
N TYR A 392 11.73 16.13 9.30
CA TYR A 392 13.19 15.98 9.19
C TYR A 392 13.32 14.74 8.30
N LEU A 393 14.48 14.50 7.73
CA LEU A 393 14.68 13.24 6.96
C LEU A 393 16.08 12.78 7.30
N VAL A 394 16.20 11.66 8.01
CA VAL A 394 17.51 11.08 8.26
C VAL A 394 18.07 10.42 6.95
N ALA A 395 19.02 11.09 6.31
CA ALA A 395 19.65 10.53 5.14
C ALA A 395 20.66 9.46 5.52
N PRO A 396 21.01 8.57 4.58
CA PRO A 396 22.00 7.53 4.95
C PRO A 396 23.29 8.10 5.59
N LEU A 397 23.85 9.14 4.98
CA LEU A 397 25.11 9.70 5.52
C LEU A 397 24.94 10.32 6.93
N ASP A 398 23.75 10.88 7.22
CA ASP A 398 23.42 11.40 8.57
C ASP A 398 23.61 10.31 9.58
N ALA A 399 23.08 9.12 9.30
CA ALA A 399 23.16 7.98 10.23
C ALA A 399 24.54 7.31 10.22
N ILE A 400 25.16 7.20 9.07
CA ILE A 400 26.42 6.47 8.99
C ILE A 400 27.60 7.23 9.64
N THR A 401 27.63 8.53 9.44
CA THR A 401 28.76 9.35 9.85
C THR A 401 29.15 9.10 11.32
N PRO A 402 28.20 9.25 12.27
CA PRO A 402 28.65 9.01 13.65
C PRO A 402 29.11 7.59 13.92
N LEU A 403 28.49 6.62 13.24
CA LEU A 403 28.75 5.22 13.49
C LEU A 403 30.16 4.85 12.96
N ALA A 404 30.46 5.37 11.78
CA ALA A 404 31.81 5.30 11.21
C ALA A 404 32.83 6.01 12.09
N GLN A 405 32.50 7.20 12.57
CA GLN A 405 33.45 7.97 13.45
C GLN A 405 33.79 7.17 14.71
N ALA A 406 32.77 6.64 15.40
CA ALA A 406 33.01 5.80 16.59
C ALA A 406 33.93 4.62 16.32
N GLN A 407 33.94 4.07 15.11
CA GLN A 407 34.87 2.97 14.76
C GLN A 407 36.17 3.46 14.12
N GLY A 408 36.38 4.76 14.07
CA GLY A 408 37.55 5.32 13.43
C GLY A 408 37.67 5.01 11.95
N THR A 409 36.56 4.72 11.27
CA THR A 409 36.68 4.57 9.83
C THR A 409 36.71 5.93 9.16
N LYS A 410 37.51 6.05 8.13
CA LYS A 410 37.64 7.27 7.40
C LYS A 410 36.57 7.28 6.31
N LEU A 411 35.92 8.42 6.07
CA LEU A 411 34.92 8.53 5.02
C LEU A 411 35.37 9.36 3.85
N VAL A 412 35.23 8.80 2.65
CA VAL A 412 35.49 9.44 1.41
C VAL A 412 34.16 9.73 0.66
N LEU A 413 33.84 11.02 0.59
CA LEU A 413 32.52 11.45 0.14
C LEU A 413 32.50 11.80 -1.32
N SER A 414 31.58 11.17 -2.04
CA SER A 414 31.21 11.62 -3.37
C SER A 414 29.65 11.63 -3.57
N THR A 415 29.01 12.62 -2.96
CA THR A 415 27.53 12.67 -2.84
C THR A 415 26.80 13.35 -3.97
N THR A 416 27.31 13.20 -5.18
CA THR A 416 26.66 13.54 -6.42
C THR A 416 26.63 12.23 -7.20
N ASP A 417 26.04 12.29 -8.38
CA ASP A 417 25.98 11.17 -9.27
C ASP A 417 27.06 11.23 -10.36
N SER A 418 28.07 12.07 -10.16
CA SER A 418 29.20 12.08 -11.14
C SER A 418 29.95 10.73 -11.16
N THR A 419 30.03 10.11 -12.33
CA THR A 419 30.73 8.82 -12.46
C THR A 419 32.25 8.96 -12.29
N SER A 420 32.83 10.12 -12.64
CA SER A 420 34.28 10.28 -12.52
C SER A 420 34.59 10.49 -11.07
N ALA A 421 33.82 11.31 -10.36
CA ALA A 421 34.08 11.51 -8.93
C ALA A 421 33.79 10.25 -8.09
N ALA A 422 32.80 9.48 -8.55
CA ALA A 422 32.48 8.18 -7.98
C ALA A 422 33.66 7.19 -8.06
N ALA A 423 34.21 7.02 -9.26
CA ALA A 423 35.35 6.07 -9.42
C ALA A 423 36.53 6.56 -8.62
N SER A 424 36.65 7.89 -8.58
CA SER A 424 37.69 8.49 -7.85
C SER A 424 37.58 8.19 -6.37
N ALA A 425 36.39 8.39 -5.77
CA ALA A 425 36.25 8.11 -4.36
C ALA A 425 36.35 6.63 -4.06
N ALA A 426 35.83 5.76 -4.95
CA ALA A 426 35.87 4.29 -4.74
C ALA A 426 37.34 3.76 -4.58
N ALA A 427 38.25 4.36 -5.34
CA ALA A 427 39.65 3.92 -5.40
C ALA A 427 40.34 4.28 -4.13
N ALA A 428 39.77 5.23 -3.38
CA ALA A 428 40.46 5.75 -2.25
C ALA A 428 39.96 5.14 -0.98
N ALA A 429 39.13 4.10 -1.03
CA ALA A 429 38.65 3.46 0.21
C ALA A 429 38.66 1.94 0.08
N GLU A 430 38.69 1.23 1.20
CA GLU A 430 38.66 -0.23 1.24
C GLU A 430 37.32 -0.78 0.70
N THR A 431 36.27 -0.01 0.90
CA THR A 431 34.90 -0.48 0.61
C THR A 431 34.14 0.75 0.20
N ALA A 432 33.25 0.58 -0.76
CA ALA A 432 32.41 1.68 -1.30
C ALA A 432 30.94 1.33 -1.22
N ILE A 433 30.15 2.24 -0.66
CA ILE A 433 28.68 2.07 -0.63
C ILE A 433 28.11 3.15 -1.56
N VAL A 434 27.38 2.68 -2.58
CA VAL A 434 26.86 3.48 -3.61
C VAL A 434 25.30 3.44 -3.54
N PHE A 435 24.69 4.60 -3.68
CA PHE A 435 23.28 4.85 -3.37
C PHE A 435 22.60 5.28 -4.66
N ILE A 436 21.61 4.51 -5.08
CA ILE A 436 20.88 4.72 -6.28
C ILE A 436 19.39 4.64 -6.01
N THR A 437 18.61 5.16 -6.94
CA THR A 437 17.14 5.29 -6.79
C THR A 437 16.31 4.96 -8.01
N ALA A 438 15.00 4.82 -7.81
CA ALA A 438 14.04 4.94 -8.86
C ALA A 438 12.75 5.51 -8.28
N ASP A 439 12.13 6.46 -8.97
CA ASP A 439 11.02 7.20 -8.44
C ASP A 439 9.84 7.19 -9.38
N SER A 440 8.69 7.58 -8.84
CA SER A 440 7.48 7.72 -9.66
C SER A 440 6.43 8.38 -8.76
N GLY A 441 5.28 8.61 -9.34
CA GLY A 441 4.21 9.29 -8.64
C GLY A 441 2.92 9.40 -9.42
N GLU A 442 2.02 10.17 -8.84
CA GLU A 442 0.75 10.41 -9.38
C GLU A 442 0.83 11.19 -10.71
N GLY A 443 -0.06 10.86 -11.61
CA GLY A 443 0.01 11.41 -12.96
C GLY A 443 -0.48 12.85 -13.18
N TYR A 444 -0.20 13.77 -12.26
CA TYR A 444 -0.37 15.20 -12.54
C TYR A 444 0.94 15.91 -12.50
N ILE A 445 2.04 15.21 -12.26
CA ILE A 445 3.35 15.78 -12.16
C ILE A 445 4.28 14.98 -13.09
N THR A 446 5.07 15.69 -13.88
CA THR A 446 6.12 15.08 -14.75
C THR A 446 7.49 15.31 -14.12
N VAL A 447 8.24 14.26 -13.93
CA VAL A 447 9.60 14.33 -13.47
C VAL A 447 10.49 13.53 -14.42
N ASP A 448 11.62 14.10 -14.83
CA ASP A 448 12.51 13.44 -15.83
C ASP A 448 11.73 12.90 -17.00
N GLY A 449 10.81 13.70 -17.51
CA GLY A 449 10.01 13.30 -18.68
C GLY A 449 8.96 12.21 -18.45
N GLN A 450 8.62 11.92 -17.19
CA GLN A 450 7.71 10.79 -16.86
C GLN A 450 6.53 11.36 -16.06
N LEU A 451 5.38 11.36 -16.70
CA LEU A 451 4.13 11.87 -16.16
C LEU A 451 3.54 10.70 -15.31
N GLY A 452 3.92 10.70 -14.03
CA GLY A 452 3.52 9.66 -13.09
C GLY A 452 4.20 8.30 -13.23
N ASP A 453 3.77 7.56 -14.25
CA ASP A 453 4.32 6.24 -14.56
C ASP A 453 5.77 6.32 -15.01
N ARG A 454 6.55 5.30 -14.65
CA ARG A 454 7.89 5.12 -15.08
C ARG A 454 7.98 4.62 -16.52
N ASN A 455 8.97 5.11 -17.21
CA ASN A 455 9.09 4.80 -18.62
C ASN A 455 10.01 3.58 -18.82
N SER A 456 10.55 3.02 -17.73
CA SER A 456 11.43 1.85 -17.82
C SER A 456 11.50 1.28 -16.43
N LEU A 457 12.18 0.15 -16.32
CA LEU A 457 12.52 -0.50 -15.04
C LEU A 457 14.06 -0.41 -14.74
N ALA A 458 14.65 0.66 -15.25
CA ALA A 458 16.06 0.98 -15.05
C ALA A 458 16.22 1.96 -13.89
N PRO A 459 17.32 1.88 -13.14
CA PRO A 459 17.57 2.93 -12.16
C PRO A 459 17.54 4.37 -12.71
N TRP A 460 16.99 5.31 -11.93
CA TRP A 460 16.93 6.71 -12.31
C TRP A 460 18.30 7.33 -12.15
N ASN A 461 18.46 8.57 -12.61
CA ASN A 461 19.70 9.30 -12.33
C ASN A 461 20.99 8.55 -12.79
N ASN A 462 20.92 7.80 -13.89
CA ASN A 462 22.06 7.07 -14.38
C ASN A 462 22.65 6.15 -13.32
N GLY A 463 21.77 5.53 -12.54
CA GLY A 463 22.20 4.75 -11.40
C GLY A 463 23.03 3.55 -11.86
N THR A 464 22.62 2.89 -12.91
CA THR A 464 23.40 1.70 -13.32
C THR A 464 24.88 2.13 -13.63
N ALA A 465 24.99 3.18 -14.43
CA ALA A 465 26.29 3.75 -14.78
C ALA A 465 27.09 4.24 -13.57
N LEU A 466 26.44 4.78 -12.54
CA LEU A 466 27.13 5.07 -11.31
C LEU A 466 27.74 3.85 -10.63
N VAL A 467 26.93 2.81 -10.47
CA VAL A 467 27.41 1.57 -9.91
C VAL A 467 28.57 0.99 -10.74
N GLN A 468 28.43 0.98 -12.06
CA GLN A 468 29.52 0.48 -12.94
C GLN A 468 30.86 1.25 -12.71
N ALA A 469 30.77 2.57 -12.55
CA ALA A 469 31.92 3.41 -12.20
C ALA A 469 32.55 3.04 -10.86
N VAL A 470 31.73 2.75 -9.87
CA VAL A 470 32.24 2.44 -8.57
C VAL A 470 32.91 1.05 -8.64
N ALA A 471 32.25 0.11 -9.30
CA ALA A 471 32.73 -1.27 -9.45
C ALA A 471 34.09 -1.34 -10.20
N SER A 472 34.30 -0.40 -11.09
CA SER A 472 35.52 -0.31 -11.87
C SER A 472 36.73 0.09 -11.04
N ALA A 473 36.56 0.64 -9.85
CA ALA A 473 37.66 1.16 -9.07
C ALA A 473 37.70 0.60 -7.65
N SER A 474 36.83 -0.37 -7.35
CA SER A 474 36.79 -0.99 -6.05
C SER A 474 36.59 -2.51 -6.17
N LYS A 475 37.17 -3.24 -5.22
CA LYS A 475 36.98 -4.66 -5.08
C LYS A 475 35.80 -4.99 -4.19
N ASN A 476 35.24 -4.01 -3.49
CA ASN A 476 34.24 -4.29 -2.45
C ASN A 476 33.18 -3.22 -2.48
N VAL A 477 32.10 -3.52 -3.19
CA VAL A 477 31.04 -2.57 -3.36
C VAL A 477 29.76 -3.04 -2.74
N ILE A 478 29.14 -2.17 -1.97
CA ILE A 478 27.79 -2.45 -1.42
C ILE A 478 26.84 -1.50 -2.17
N VAL A 479 25.81 -2.01 -2.83
CA VAL A 479 24.81 -1.18 -3.50
C VAL A 479 23.57 -1.03 -2.59
N VAL A 480 23.23 0.21 -2.26
CA VAL A 480 21.93 0.56 -1.60
C VAL A 480 20.98 1.14 -2.59
N ILE A 481 19.77 0.58 -2.69
CA ILE A 481 18.82 1.00 -3.64
C ILE A 481 17.57 1.47 -2.94
N ASN A 482 17.21 2.76 -3.17
CA ASN A 482 15.93 3.30 -2.69
C ASN A 482 14.98 3.44 -3.90
N SER A 483 14.03 2.49 -4.07
CA SER A 483 13.17 2.47 -5.22
C SER A 483 11.73 2.22 -4.85
N VAL A 484 10.86 2.89 -5.61
CA VAL A 484 9.41 2.74 -5.54
C VAL A 484 8.87 1.43 -6.03
N GLY A 485 9.71 0.63 -6.73
CA GLY A 485 9.23 -0.61 -7.27
C GLY A 485 10.31 -1.39 -7.96
N PRO A 486 9.94 -2.52 -8.56
CA PRO A 486 10.90 -3.39 -9.24
C PRO A 486 11.80 -2.63 -10.19
N LEU A 487 13.04 -3.09 -10.24
CA LEU A 487 14.02 -2.65 -11.19
C LEU A 487 14.72 -3.92 -11.76
N ILE A 488 15.23 -3.81 -12.97
CA ILE A 488 16.04 -4.87 -13.56
C ILE A 488 17.47 -4.57 -13.09
N LEU A 489 18.07 -5.54 -12.44
CA LEU A 489 19.33 -5.38 -11.79
C LEU A 489 20.45 -6.17 -12.48
N GLU A 490 20.15 -6.76 -13.64
CA GLU A 490 21.11 -7.62 -14.34
C GLU A 490 22.44 -6.92 -14.61
N ASP A 491 22.41 -5.65 -15.03
CA ASP A 491 23.69 -4.94 -15.19
C ASP A 491 24.51 -4.78 -13.92
N ILE A 492 23.82 -4.62 -12.79
CA ILE A 492 24.50 -4.43 -11.54
C ILE A 492 25.07 -5.76 -11.07
N LEU A 493 24.28 -6.82 -11.18
CA LEU A 493 24.65 -8.16 -10.78
C LEU A 493 25.82 -8.76 -11.56
N ALA A 494 26.02 -8.31 -12.76
CA ALA A 494 27.11 -8.76 -13.62
C ALA A 494 28.45 -8.23 -13.15
N LEU A 495 28.46 -7.36 -12.15
CA LEU A 495 29.69 -6.78 -11.65
C LEU A 495 30.28 -7.58 -10.55
N SER A 496 31.45 -8.15 -10.76
CA SER A 496 31.99 -9.04 -9.73
C SER A 496 32.37 -8.31 -8.44
N SER A 497 32.69 -7.03 -8.45
CA SER A 497 32.99 -6.34 -7.21
C SER A 497 31.75 -5.98 -6.32
N VAL A 498 30.56 -6.13 -6.86
CA VAL A 498 29.32 -5.85 -6.06
C VAL A 498 29.09 -7.06 -5.15
N LYS A 499 29.36 -6.82 -3.89
CA LYS A 499 29.36 -7.87 -2.88
C LYS A 499 28.04 -7.93 -2.13
N ALA A 500 27.27 -6.83 -2.08
CA ALA A 500 25.93 -6.84 -1.40
C ALA A 500 25.01 -5.83 -2.04
N ILE A 501 23.73 -6.22 -2.18
CA ILE A 501 22.72 -5.32 -2.68
C ILE A 501 21.61 -5.25 -1.60
N VAL A 502 21.39 -4.03 -1.11
CA VAL A 502 20.36 -3.75 -0.11
C VAL A 502 19.19 -3.04 -0.76
N TRP A 503 18.03 -3.71 -0.87
CA TRP A 503 16.82 -3.12 -1.42
C TRP A 503 16.12 -2.41 -0.25
N ALA A 504 16.41 -1.13 -0.11
CA ALA A 504 16.04 -0.40 1.11
C ALA A 504 14.66 0.24 1.02
N GLY A 505 14.10 0.30 -0.20
CA GLY A 505 12.77 0.84 -0.45
C GLY A 505 12.65 2.33 -0.29
N VAL A 506 11.47 2.79 0.15
CA VAL A 506 11.10 4.18 0.22
C VAL A 506 10.32 4.35 1.52
N SER A 507 11.02 4.88 2.51
CA SER A 507 10.73 4.58 3.91
C SER A 507 10.55 5.78 4.84
N GLY A 508 10.27 6.96 4.30
CA GLY A 508 9.86 8.05 5.16
C GLY A 508 10.99 8.63 5.98
N GLN A 509 10.60 9.39 7.01
CA GLN A 509 11.52 10.26 7.75
C GLN A 509 12.68 9.59 8.42
N GLU A 510 12.43 8.36 8.90
CA GLU A 510 13.48 7.61 9.58
C GLU A 510 14.35 6.71 8.68
N SER A 511 14.20 6.85 7.38
CA SER A 511 14.90 6.02 6.37
C SER A 511 16.35 5.65 6.75
N GLY A 512 17.20 6.65 6.86
CA GLY A 512 18.63 6.44 7.07
C GLY A 512 18.93 5.77 8.41
N ASN A 513 18.10 5.99 9.42
CA ASN A 513 18.24 5.20 10.68
C ASN A 513 17.93 3.71 10.53
N GLY A 514 16.84 3.44 9.81
CA GLY A 514 16.53 2.08 9.57
C GLY A 514 17.63 1.41 8.78
N LEU A 515 18.13 2.07 7.76
CA LEU A 515 19.21 1.51 6.95
C LEU A 515 20.47 1.19 7.76
N ALA A 516 20.91 2.15 8.58
CA ALA A 516 22.09 1.90 9.44
C ALA A 516 21.89 0.80 10.43
N ASP A 517 20.68 0.66 10.93
CA ASP A 517 20.34 -0.42 11.88
C ASP A 517 20.70 -1.77 11.24
N ILE A 518 20.52 -1.85 9.92
CA ILE A 518 20.87 -3.08 9.18
C ILE A 518 22.34 -3.10 8.73
N LEU A 519 22.81 -2.02 8.16
CA LEU A 519 24.19 -1.97 7.65
C LEU A 519 25.22 -2.27 8.70
N TYR A 520 25.03 -1.78 9.92
CA TYR A 520 26.03 -1.99 10.98
C TYR A 520 25.70 -3.20 11.86
N GLY A 521 24.65 -3.91 11.50
CA GLY A 521 24.35 -5.17 12.11
C GLY A 521 23.64 -5.17 13.45
N SER A 522 23.07 -4.05 13.89
CA SER A 522 22.34 -4.09 15.16
C SER A 522 21.17 -5.03 15.02
N VAL A 523 20.63 -5.09 13.81
CA VAL A 523 19.50 -5.99 13.59
C VAL A 523 19.76 -6.68 12.26
N SER A 524 19.34 -7.92 12.16
CA SER A 524 19.39 -8.65 10.91
C SER A 524 18.24 -8.20 9.98
N PRO A 525 18.50 -8.05 8.65
CA PRO A 525 17.40 -7.63 7.81
C PRO A 525 16.39 -8.75 7.75
N SER A 526 15.11 -8.37 7.72
CA SER A 526 14.01 -9.37 7.80
C SER A 526 12.89 -9.13 6.75
N GLY A 527 13.07 -8.13 5.88
CA GLY A 527 12.10 -7.80 4.89
C GLY A 527 12.11 -8.85 3.81
N LYS A 528 11.00 -8.99 3.08
CA LYS A 528 10.92 -9.89 1.89
C LYS A 528 10.27 -9.09 0.74
N LEU A 529 10.68 -9.37 -0.50
CA LEU A 529 10.10 -8.62 -1.60
C LEU A 529 8.59 -8.82 -1.70
N PRO A 530 7.83 -7.72 -1.91
CA PRO A 530 6.40 -7.80 -2.12
C PRO A 530 6.02 -7.78 -3.59
N TYR A 531 7.02 -7.89 -4.46
CA TYR A 531 6.86 -8.03 -5.91
C TYR A 531 8.05 -8.77 -6.48
N THR A 532 7.95 -9.13 -7.74
CA THR A 532 9.01 -9.89 -8.40
C THR A 532 9.97 -9.00 -9.08
N ILE A 533 11.29 -9.32 -8.97
CA ILE A 533 12.35 -8.65 -9.71
C ILE A 533 12.79 -9.62 -10.83
N ALA A 534 12.35 -9.28 -12.05
CA ALA A 534 12.61 -10.10 -13.25
C ALA A 534 14.02 -9.84 -13.80
N LYS A 535 14.42 -10.71 -14.70
CA LYS A 535 15.68 -10.57 -15.42
C LYS A 535 15.57 -9.63 -16.63
N GLN A 536 14.38 -9.48 -17.16
CA GLN A 536 14.05 -8.49 -18.15
C GLN A 536 12.60 -8.01 -18.01
N ALA A 537 12.34 -6.78 -18.41
CA ALA A 537 11.03 -6.17 -18.28
C ALA A 537 9.89 -6.91 -19.00
N SER A 538 10.18 -7.57 -20.15
CA SER A 538 9.10 -8.26 -20.89
C SER A 538 8.56 -9.51 -20.17
N ASP A 539 9.34 -10.06 -19.23
CA ASP A 539 8.95 -11.17 -18.39
C ASP A 539 7.70 -10.90 -17.51
N TYR A 540 7.44 -9.63 -17.14
CA TYR A 540 6.21 -9.36 -16.28
C TYR A 540 4.94 -9.66 -17.05
N GLY A 541 5.00 -9.58 -18.39
CA GLY A 541 3.81 -9.80 -19.21
C GLY A 541 2.78 -8.70 -19.13
N THR A 542 3.09 -7.64 -18.40
CA THR A 542 2.23 -6.43 -18.31
C THR A 542 3.09 -5.23 -18.59
N ALA A 543 2.42 -4.17 -19.00
CA ALA A 543 3.05 -2.90 -19.33
C ALA A 543 1.99 -1.77 -19.35
N ILE A 544 2.47 -0.54 -19.32
CA ILE A 544 1.63 0.64 -19.50
C ILE A 544 1.03 0.61 -20.89
N VAL A 545 -0.28 0.73 -20.97
CA VAL A 545 -1.01 0.63 -22.24
C VAL A 545 -1.34 2.04 -22.77
N PRO A 546 -1.46 2.21 -24.10
CA PRO A 546 -1.79 3.54 -24.65
C PRO A 546 -3.25 3.82 -24.82
N GLY A 547 -4.13 2.89 -24.49
CA GLY A 547 -5.57 3.05 -24.74
C GLY A 547 -6.34 2.34 -23.60
N ASP A 548 -7.26 1.47 -23.95
CA ASP A 548 -7.94 0.68 -22.92
C ASP A 548 -7.08 -0.51 -22.52
N ASP A 549 -7.31 -0.98 -21.31
CA ASP A 549 -6.66 -2.19 -20.83
C ASP A 549 -7.72 -3.27 -20.64
N ASN A 550 -7.62 -4.36 -21.42
CA ASN A 550 -8.56 -5.48 -21.31
C ASN A 550 -8.07 -6.60 -20.43
N PHE A 551 -7.00 -6.30 -19.72
CA PHE A 551 -6.52 -7.20 -18.70
C PHE A 551 -6.41 -8.66 -19.22
N PRO A 552 -5.76 -8.88 -20.38
CA PRO A 552 -5.76 -10.25 -20.96
C PRO A 552 -4.95 -11.26 -20.12
N GLU A 553 -4.09 -10.76 -19.25
CA GLU A 553 -3.27 -11.61 -18.41
C GLU A 553 -4.11 -12.25 -17.35
N GLY A 554 -5.26 -11.64 -17.06
CA GLY A 554 -6.22 -12.18 -16.14
C GLY A 554 -5.62 -12.33 -14.76
N LEU A 555 -5.78 -13.51 -14.20
CA LEU A 555 -5.34 -13.80 -12.87
C LEU A 555 -3.83 -13.78 -12.68
N PHE A 556 -3.07 -13.79 -13.79
CA PHE A 556 -1.66 -14.13 -13.77
C PHE A 556 -0.82 -12.85 -13.79
N VAL A 557 -0.62 -12.30 -12.60
CA VAL A 557 0.03 -11.03 -12.39
C VAL A 557 1.17 -11.28 -11.38
N ASP A 558 2.27 -10.60 -11.57
CA ASP A 558 3.46 -10.79 -10.81
C ASP A 558 3.85 -12.29 -10.77
N TYR A 559 4.17 -12.84 -9.60
CA TYR A 559 4.71 -14.21 -9.50
C TYR A 559 3.80 -15.29 -10.04
N ARG A 560 2.48 -15.06 -9.98
CA ARG A 560 1.52 -15.98 -10.59
C ARG A 560 1.82 -16.21 -12.08
N HIS A 561 2.20 -15.15 -12.77
CA HIS A 561 2.65 -15.26 -14.16
C HIS A 561 3.98 -15.96 -14.34
N PHE A 562 4.96 -15.55 -13.57
CA PHE A 562 6.29 -16.19 -13.65
C PHE A 562 6.11 -17.69 -13.42
N ASP A 563 5.29 -18.03 -12.41
CA ASP A 563 5.09 -19.44 -12.06
C ASP A 563 4.36 -20.16 -13.23
N GLN A 564 3.27 -19.58 -13.72
CA GLN A 564 2.42 -20.28 -14.74
C GLN A 564 3.16 -20.42 -16.08
N ALA A 565 3.98 -19.47 -16.39
CA ALA A 565 4.70 -19.47 -17.63
C ALA A 565 6.08 -20.08 -17.50
N ASN A 566 6.47 -20.51 -16.31
CA ASN A 566 7.74 -21.07 -16.06
C ASN A 566 8.89 -20.13 -16.40
N ILE A 567 8.82 -18.85 -15.97
CA ILE A 567 9.87 -17.89 -16.19
C ILE A 567 10.61 -17.73 -14.89
N GLN A 568 11.94 -17.91 -14.91
CA GLN A 568 12.72 -17.72 -13.71
C GLN A 568 12.93 -16.19 -13.48
N PRO A 569 12.53 -15.73 -12.29
CA PRO A 569 12.79 -14.34 -12.01
C PRO A 569 14.20 -14.26 -11.55
N ARG A 570 14.70 -13.04 -11.33
CA ARG A 570 15.99 -12.89 -10.69
C ARG A 570 15.83 -13.04 -9.20
N PHE A 571 14.92 -12.27 -8.60
CA PHE A 571 14.55 -12.44 -7.20
C PHE A 571 13.02 -12.54 -7.16
N GLU A 572 12.52 -13.66 -6.65
CA GLU A 572 11.12 -13.93 -6.61
C GLU A 572 10.35 -13.16 -5.55
N PHE A 573 9.06 -13.05 -5.77
CA PHE A 573 8.13 -12.60 -4.72
C PHE A 573 8.38 -13.40 -3.44
N GLY A 574 8.50 -12.67 -2.33
CA GLY A 574 8.69 -13.29 -1.02
C GLY A 574 10.11 -13.60 -0.66
N TYR A 575 11.02 -13.29 -1.57
CA TYR A 575 12.47 -13.45 -1.28
C TYR A 575 13.12 -12.37 -0.41
N GLY A 576 14.00 -12.83 0.47
CA GLY A 576 14.83 -11.91 1.22
C GLY A 576 15.88 -12.70 1.97
N LEU A 577 17.11 -12.20 2.03
CA LEU A 577 18.13 -12.80 2.81
C LEU A 577 18.13 -12.28 4.25
N SER A 578 18.93 -12.92 5.10
CA SER A 578 19.12 -12.54 6.48
C SER A 578 20.63 -12.63 6.76
N TYR A 579 21.07 -12.22 7.93
CA TYR A 579 22.47 -12.42 8.34
C TYR A 579 22.54 -13.78 9.02
N THR A 580 21.40 -14.46 9.23
CA THR A 580 21.39 -15.90 9.52
C THR A 580 20.67 -16.76 8.51
N THR A 581 20.49 -18.04 8.88
CA THR A 581 19.76 -19.03 8.07
C THR A 581 18.70 -19.67 8.91
N PHE A 582 17.66 -20.17 8.25
CA PHE A 582 16.57 -20.83 8.91
C PHE A 582 16.28 -22.18 8.25
N GLN A 583 15.85 -23.11 9.09
CA GLN A 583 15.45 -24.43 8.66
C GLN A 583 14.02 -24.71 9.07
N TYR A 584 13.29 -25.40 8.21
CA TYR A 584 11.87 -25.57 8.43
C TYR A 584 11.59 -27.07 8.60
N SER A 585 10.68 -27.43 9.47
CA SER A 585 10.27 -28.81 9.60
C SER A 585 8.88 -28.89 10.22
N GLN A 586 8.45 -30.12 10.44
CA GLN A 586 7.23 -30.41 11.21
C GLN A 586 5.97 -29.75 10.68
N LEU A 587 5.62 -29.98 9.43
CA LEU A 587 4.43 -29.37 8.89
C LEU A 587 3.24 -30.07 9.49
N THR A 588 2.21 -29.32 9.90
CA THR A 588 0.88 -29.88 10.22
C THR A 588 -0.18 -29.17 9.39
N ALA A 589 -1.30 -29.82 9.12
CA ALA A 589 -2.40 -29.25 8.39
C ALA A 589 -3.63 -29.93 8.91
N LYS A 590 -4.65 -29.16 9.29
CA LYS A 590 -5.85 -29.75 9.90
C LYS A 590 -7.05 -28.94 9.49
N TYR A 591 -8.06 -29.59 8.96
CA TYR A 591 -9.33 -28.94 8.73
C TYR A 591 -10.03 -28.85 10.12
N SER A 592 -10.26 -27.67 10.67
CA SER A 592 -10.89 -27.58 11.92
C SER A 592 -12.42 -27.39 11.76
N ASP A 593 -12.90 -27.07 10.58
CA ASP A 593 -14.34 -26.85 10.31
C ASP A 593 -14.63 -27.36 8.92
N THR A 594 -15.17 -28.58 8.83
CA THR A 594 -15.56 -29.18 7.53
C THR A 594 -17.04 -28.88 7.12
N SER A 595 -17.75 -28.11 7.94
CA SER A 595 -19.17 -27.83 7.72
C SER A 595 -19.45 -26.89 6.55
N ALA A 596 -20.72 -26.70 6.30
CA ALA A 596 -21.19 -25.66 5.40
C ALA A 596 -21.04 -24.29 6.14
N GLY A 597 -20.80 -23.23 5.37
CA GLY A 597 -20.55 -21.93 5.99
C GLY A 597 -21.82 -21.15 5.91
N SER A 598 -22.03 -20.23 6.86
CA SER A 598 -23.18 -19.30 6.84
C SER A 598 -23.30 -18.48 5.56
N SER A 599 -24.48 -18.45 4.97
CA SER A 599 -24.69 -17.59 3.76
C SER A 599 -25.29 -16.20 4.15
N THR A 600 -25.47 -15.93 5.45
CA THR A 600 -26.07 -14.66 5.79
C THR A 600 -25.02 -13.56 5.36
N LEU A 601 -25.52 -12.61 4.59
CA LEU A 601 -24.74 -11.48 4.08
C LEU A 601 -24.33 -10.55 5.23
N ALA A 602 -23.05 -10.19 5.26
CA ALA A 602 -22.53 -9.17 6.19
C ALA A 602 -21.48 -8.36 5.41
N PRO A 603 -21.02 -7.22 5.96
CA PRO A 603 -19.98 -6.52 5.17
C PRO A 603 -18.82 -7.46 4.90
N GLY A 604 -18.40 -7.50 3.63
CA GLY A 604 -17.38 -8.36 3.15
C GLY A 604 -17.91 -9.51 2.34
N GLY A 605 -19.22 -9.77 2.41
CA GLY A 605 -19.79 -10.88 1.63
C GLY A 605 -20.41 -11.88 2.57
N PRO A 606 -20.83 -13.04 2.04
CA PRO A 606 -21.41 -14.08 2.90
C PRO A 606 -20.49 -14.36 4.06
N LYS A 607 -21.06 -14.37 5.26
CA LYS A 607 -20.32 -14.37 6.48
C LYS A 607 -19.39 -15.59 6.52
N GLY A 608 -19.85 -16.71 5.97
CA GLY A 608 -19.04 -17.93 6.04
C GLY A 608 -17.70 -17.82 5.32
N LEU A 609 -17.57 -16.92 4.36
CA LEU A 609 -16.29 -16.69 3.71
C LEU A 609 -15.11 -16.44 4.63
N TYR A 610 -15.37 -15.78 5.76
CA TYR A 610 -14.37 -15.38 6.67
C TYR A 610 -14.27 -16.29 7.88
N ASP A 611 -15.02 -17.39 7.97
CA ASP A 611 -14.78 -18.33 9.06
C ASP A 611 -13.38 -18.98 8.87
N ILE A 612 -12.67 -19.24 9.98
CA ILE A 612 -11.45 -20.00 9.92
C ILE A 612 -11.82 -21.48 9.77
N VAL A 613 -11.43 -22.13 8.69
CA VAL A 613 -11.79 -23.53 8.45
C VAL A 613 -10.61 -24.49 8.62
N ALA A 614 -9.38 -23.98 8.63
CA ALA A 614 -8.21 -24.86 8.70
C ALA A 614 -7.02 -24.12 9.22
N THR A 615 -6.05 -24.85 9.75
CA THR A 615 -4.86 -24.24 10.25
C THR A 615 -3.66 -25.10 9.85
N VAL A 616 -2.57 -24.44 9.47
CA VAL A 616 -1.33 -25.08 9.06
C VAL A 616 -0.24 -24.56 10.00
N THR A 617 0.69 -25.45 10.45
CA THR A 617 1.80 -25.00 11.21
C THR A 617 3.09 -25.57 10.72
N ALA A 618 4.17 -24.97 11.20
CA ALA A 618 5.51 -25.51 10.95
C ALA A 618 6.44 -25.04 12.01
N LYS A 619 7.56 -25.76 12.12
CA LYS A 619 8.61 -25.36 13.03
C LYS A 619 9.74 -24.70 12.25
N VAL A 620 10.21 -23.53 12.76
CA VAL A 620 11.28 -22.82 12.09
C VAL A 620 12.40 -22.69 13.12
N THR A 621 13.63 -22.91 12.65
CA THR A 621 14.81 -22.96 13.48
C THR A 621 15.83 -22.05 12.89
N ASN A 622 16.41 -21.21 13.73
CA ASN A 622 17.55 -20.39 13.34
C ASN A 622 18.78 -21.28 13.39
N SER A 623 19.33 -21.58 12.21
CA SER A 623 20.41 -22.54 12.04
C SER A 623 21.75 -21.80 11.96
N GLY A 624 21.75 -20.47 12.12
CA GLY A 624 22.98 -19.71 11.98
C GLY A 624 23.46 -19.19 13.30
N THR A 625 24.30 -18.17 13.26
CA THR A 625 25.09 -17.77 14.47
C THR A 625 24.73 -16.42 14.97
N VAL A 626 23.75 -15.76 14.34
CA VAL A 626 23.21 -14.51 14.83
C VAL A 626 21.68 -14.53 14.81
N SER A 627 21.10 -13.60 15.57
CA SER A 627 19.67 -13.51 15.71
C SER A 627 19.07 -13.00 14.44
N GLY A 628 17.84 -13.38 14.19
CA GLY A 628 17.15 -12.90 13.00
C GLY A 628 15.70 -13.23 13.02
N ALA A 629 14.89 -12.53 12.21
CA ALA A 629 13.49 -12.90 12.02
C ALA A 629 13.28 -13.43 10.64
N GLU A 630 12.48 -14.47 10.56
CA GLU A 630 12.11 -15.09 9.28
C GLU A 630 10.63 -14.91 9.00
N VAL A 631 10.29 -14.62 7.74
CA VAL A 631 8.91 -14.53 7.29
C VAL A 631 8.57 -15.85 6.61
N ALA A 632 7.96 -16.76 7.38
CA ALA A 632 7.46 -18.01 6.79
C ALA A 632 6.21 -17.73 5.97
N GLN A 633 6.06 -18.41 4.86
CA GLN A 633 5.01 -18.16 3.87
C GLN A 633 4.35 -19.45 3.51
N LEU A 634 3.03 -19.36 3.31
CA LEU A 634 2.19 -20.45 2.86
C LEU A 634 1.54 -20.10 1.55
N TYR A 635 1.74 -20.98 0.56
CA TYR A 635 1.18 -20.91 -0.80
C TYR A 635 0.30 -22.19 -0.99
N ILE A 636 -0.85 -21.96 -1.61
CA ILE A 636 -1.82 -23.02 -1.84
C ILE A 636 -2.01 -23.27 -3.31
N GLY A 637 -2.09 -24.54 -3.68
CA GLY A 637 -2.39 -24.95 -5.05
C GLY A 637 -3.75 -25.57 -5.01
N LEU A 638 -4.63 -25.16 -5.91
CA LEU A 638 -5.99 -25.68 -5.88
C LEU A 638 -6.08 -27.05 -6.55
N PRO A 639 -7.06 -27.86 -6.15
CA PRO A 639 -7.24 -29.16 -6.82
C PRO A 639 -7.63 -29.05 -8.31
N GLY A 640 -7.44 -30.17 -9.05
CA GLY A 640 -7.86 -30.25 -10.45
C GLY A 640 -9.36 -30.04 -10.66
N SER A 641 -10.19 -30.22 -9.62
CA SER A 641 -11.64 -29.88 -9.71
C SER A 641 -11.92 -28.38 -9.98
N ALA A 642 -10.98 -27.51 -9.63
CA ALA A 642 -11.07 -26.05 -9.82
C ALA A 642 -10.65 -25.62 -11.19
N PRO A 643 -11.14 -24.46 -11.70
CA PRO A 643 -10.71 -24.01 -12.96
C PRO A 643 -9.22 -23.67 -12.94
N ALA A 644 -8.60 -23.51 -14.10
CA ALA A 644 -7.17 -23.27 -14.17
C ALA A 644 -6.77 -21.97 -13.46
N SER A 645 -5.78 -22.08 -12.60
CA SER A 645 -5.46 -21.01 -11.64
C SER A 645 -3.94 -20.89 -11.51
N PRO A 646 -3.47 -19.81 -10.88
CA PRO A 646 -2.01 -19.83 -10.61
C PRO A 646 -1.65 -21.07 -9.84
N PRO A 647 -0.47 -21.61 -10.13
CA PRO A 647 -0.01 -22.82 -9.42
C PRO A 647 0.10 -22.67 -7.92
N LYS A 648 0.47 -21.46 -7.45
CA LYS A 648 0.70 -21.17 -6.03
C LYS A 648 0.07 -19.79 -5.76
N GLN A 649 -0.66 -19.69 -4.67
CA GLN A 649 -1.21 -18.37 -4.26
C GLN A 649 -0.96 -18.20 -2.78
N LEU A 650 -0.38 -17.06 -2.40
CA LEU A 650 -0.09 -16.80 -1.03
C LEU A 650 -1.37 -16.83 -0.25
N ARG A 651 -1.42 -17.63 0.81
CA ARG A 651 -2.58 -17.64 1.72
C ARG A 651 -2.25 -17.61 3.20
N GLY A 652 -1.00 -17.30 3.52
CA GLY A 652 -0.59 -17.19 4.92
C GLY A 652 0.84 -16.68 5.03
N PHE A 653 1.12 -15.95 6.07
CA PHE A 653 2.49 -15.60 6.39
C PHE A 653 2.57 -15.33 7.85
N ASP A 654 3.74 -15.53 8.43
CA ASP A 654 3.91 -15.36 9.88
C ASP A 654 5.39 -15.06 10.12
N LYS A 655 5.69 -13.98 10.85
CA LYS A 655 7.06 -13.54 10.98
C LYS A 655 7.55 -13.92 12.39
N ILE A 656 8.66 -14.65 12.48
CA ILE A 656 9.14 -15.15 13.76
C ILE A 656 10.56 -14.73 14.02
N SER A 657 10.76 -14.23 15.20
CA SER A 657 12.06 -13.76 15.61
C SER A 657 12.75 -14.84 16.46
N LEU A 658 13.99 -15.22 16.11
CA LEU A 658 14.69 -16.32 16.75
C LEU A 658 16.15 -16.04 17.03
N LYS A 659 16.58 -16.38 18.26
CA LYS A 659 17.99 -16.29 18.63
C LYS A 659 18.73 -17.47 17.99
N PRO A 660 20.05 -17.36 17.87
CA PRO A 660 20.82 -18.40 17.20
C PRO A 660 20.57 -19.79 17.78
N GLY A 661 20.31 -20.79 16.95
CA GLY A 661 20.01 -22.13 17.40
C GLY A 661 18.61 -22.35 17.98
N LYS A 662 17.79 -21.32 18.07
CA LYS A 662 16.44 -21.47 18.64
C LYS A 662 15.34 -21.75 17.58
N SER A 663 14.23 -22.32 18.08
CA SER A 663 13.18 -22.81 17.22
C SER A 663 11.87 -22.27 17.76
N GLY A 664 10.93 -22.14 16.86
CA GLY A 664 9.56 -21.69 17.20
C GLY A 664 8.55 -22.22 16.23
N THR A 665 7.28 -22.04 16.54
CA THR A 665 6.21 -22.43 15.64
C THR A 665 5.60 -21.26 14.88
N VAL A 666 5.40 -21.43 13.58
CA VAL A 666 4.63 -20.51 12.73
C VAL A 666 3.28 -21.09 12.47
N THR A 667 2.28 -20.23 12.36
CA THR A 667 0.89 -20.65 12.26
C THR A 667 0.19 -19.88 11.20
N PHE A 668 -0.53 -20.60 10.34
CA PHE A 668 -1.29 -19.97 9.28
C PHE A 668 -2.75 -20.38 9.43
N ASN A 669 -3.63 -19.43 9.76
CA ASN A 669 -5.08 -19.69 9.82
C ASN A 669 -5.78 -19.35 8.51
N LEU A 670 -6.47 -20.33 7.95
CA LEU A 670 -7.07 -20.22 6.65
C LEU A 670 -8.57 -19.96 6.74
N ARG A 671 -8.99 -18.91 6.07
CA ARG A 671 -10.42 -18.62 5.95
C ARG A 671 -11.00 -19.50 4.86
N ARG A 672 -12.29 -19.74 4.89
CA ARG A 672 -12.91 -20.44 3.79
C ARG A 672 -12.59 -19.81 2.45
N LYS A 673 -12.63 -18.47 2.39
CA LYS A 673 -12.32 -17.73 1.17
C LYS A 673 -10.92 -18.04 0.64
N ASP A 674 -10.00 -18.32 1.54
CA ASP A 674 -8.61 -18.56 1.14
C ASP A 674 -8.46 -19.85 0.35
N LEU A 675 -9.48 -20.71 0.50
CA LEU A 675 -9.53 -22.01 -0.15
C LEU A 675 -10.61 -22.09 -1.22
N SER A 676 -11.02 -20.94 -1.74
CA SER A 676 -12.09 -20.85 -2.72
C SER A 676 -11.64 -20.22 -4.00
N TYR A 677 -12.54 -20.26 -4.94
CA TYR A 677 -12.36 -19.57 -6.22
C TYR A 677 -13.71 -19.03 -6.63
N TRP A 678 -13.68 -18.01 -7.47
CA TRP A 678 -14.88 -17.44 -8.05
C TRP A 678 -15.33 -18.17 -9.33
N ASP A 679 -16.52 -18.76 -9.24
CA ASP A 679 -17.14 -19.50 -10.31
C ASP A 679 -18.11 -18.58 -11.07
N THR A 680 -17.72 -18.25 -12.28
CA THR A 680 -18.47 -17.31 -13.07
C THR A 680 -19.78 -17.96 -13.42
N ALA A 681 -19.82 -19.29 -13.58
CA ALA A 681 -21.05 -20.00 -13.95
C ALA A 681 -22.14 -19.70 -12.96
N SER A 682 -21.90 -19.96 -11.70
CA SER A 682 -22.89 -19.75 -10.70
C SER A 682 -22.78 -18.38 -10.04
N ALA A 683 -21.85 -17.53 -10.49
CA ALA A 683 -21.68 -16.15 -9.95
C ALA A 683 -21.56 -16.12 -8.47
N GLN A 684 -20.68 -16.98 -7.91
CA GLN A 684 -20.43 -17.03 -6.52
C GLN A 684 -19.09 -17.68 -6.20
N TRP A 685 -18.68 -17.57 -4.96
CA TRP A 685 -17.43 -18.25 -4.50
C TRP A 685 -17.71 -19.72 -4.33
N VAL A 686 -16.85 -20.59 -4.88
CA VAL A 686 -16.97 -22.01 -4.61
C VAL A 686 -15.76 -22.51 -3.81
N THR A 687 -16.03 -23.34 -2.82
CA THR A 687 -14.98 -24.07 -2.12
C THR A 687 -14.92 -25.53 -2.58
N PRO A 688 -13.84 -25.93 -3.25
CA PRO A 688 -13.74 -27.31 -3.75
C PRO A 688 -13.92 -28.39 -2.67
N THR A 689 -14.44 -29.51 -3.14
CA THR A 689 -15.00 -30.51 -2.29
C THR A 689 -14.52 -31.95 -2.65
N SER A 690 -13.55 -32.05 -3.53
CA SER A 690 -12.91 -33.33 -3.83
C SER A 690 -11.51 -32.99 -4.34
N GLY A 691 -10.63 -33.96 -4.24
CA GLY A 691 -9.25 -33.68 -4.52
C GLY A 691 -8.74 -33.11 -3.22
N GLU A 692 -7.67 -32.35 -3.34
CA GLU A 692 -6.93 -31.96 -2.21
C GLU A 692 -6.27 -30.66 -2.58
N PHE A 693 -6.13 -29.83 -1.59
CA PHE A 693 -5.34 -28.60 -1.77
C PHE A 693 -3.90 -28.95 -1.61
N SER A 694 -3.03 -28.35 -2.41
CA SER A 694 -1.62 -28.48 -2.17
C SER A 694 -1.12 -27.33 -1.27
N LEU A 695 -0.36 -27.66 -0.24
CA LEU A 695 0.20 -26.71 0.71
C LEU A 695 1.72 -26.63 0.54
N TYR A 696 2.28 -25.43 0.36
CA TYR A 696 3.68 -25.20 0.13
C TYR A 696 4.13 -24.23 1.17
N VAL A 697 4.99 -24.64 2.10
CA VAL A 697 5.46 -23.72 3.14
C VAL A 697 6.94 -23.46 2.91
N GLY A 698 7.34 -22.19 2.92
CA GLY A 698 8.74 -21.87 2.80
C GLY A 698 9.12 -20.41 3.02
N ALA A 699 10.33 -20.08 2.56
CA ALA A 699 10.93 -18.80 2.77
C ALA A 699 10.63 -17.78 1.64
N SER A 700 9.96 -18.19 0.58
CA SER A 700 9.65 -17.36 -0.57
C SER A 700 8.66 -18.12 -1.44
N SER A 701 8.13 -17.47 -2.48
CA SER A 701 7.34 -18.14 -3.48
C SER A 701 8.06 -19.24 -4.23
N ARG A 702 9.35 -19.30 -4.18
CA ARG A 702 10.13 -20.37 -4.81
C ARG A 702 11.01 -21.19 -3.88
N ASP A 703 11.35 -20.68 -2.68
CA ASP A 703 12.14 -21.45 -1.69
C ASP A 703 11.21 -22.26 -0.74
N ILE A 704 10.60 -23.26 -1.35
CA ILE A 704 9.63 -24.07 -0.69
C ILE A 704 10.36 -25.21 0.01
N ARG A 705 10.11 -25.30 1.30
CA ARG A 705 10.81 -26.20 2.14
C ARG A 705 9.94 -27.39 2.57
N LEU A 706 8.64 -27.20 2.64
CA LEU A 706 7.74 -28.24 3.13
C LEU A 706 6.56 -28.34 2.22
N GLN A 707 6.04 -29.54 2.13
CA GLN A 707 4.88 -29.74 1.29
C GLN A 707 3.91 -30.66 1.98
N GLY A 708 2.63 -30.39 1.80
CA GLY A 708 1.61 -31.25 2.37
C GLY A 708 0.34 -31.05 1.61
N SER A 709 -0.73 -31.61 2.12
CA SER A 709 -2.03 -31.42 1.46
C SER A 709 -3.15 -31.37 2.46
N LEU A 710 -4.27 -30.84 2.02
CA LEU A 710 -5.47 -30.74 2.81
C LEU A 710 -6.48 -31.41 1.93
N LYS A 711 -6.93 -32.56 2.38
CA LYS A 711 -8.08 -33.26 1.82
C LYS A 711 -9.21 -32.24 1.79
N CYS A 712 -9.92 -32.14 0.66
CA CYS A 712 -11.04 -31.18 0.48
C CYS A 712 -12.35 -31.68 1.10
N SER A 713 -12.34 -31.90 2.42
CA SER A 713 -13.52 -32.27 3.21
C SER A 713 -13.06 -32.35 4.67
C1 NAG B . 6.12 22.63 15.37
C2 NAG B . 6.00 24.13 15.15
C3 NAG B . 7.02 24.83 16.02
C4 NAG B . 6.72 24.47 17.45
C5 NAG B . 6.95 22.98 17.55
C6 NAG B . 6.87 22.36 18.93
C7 NAG B . 5.30 24.90 12.95
C8 NAG B . 5.63 25.19 11.52
N2 NAG B . 6.24 24.46 13.75
O3 NAG B . 6.86 26.22 15.82
O4 NAG B . 7.57 25.20 18.31
O5 NAG B . 5.95 22.39 16.76
O6 NAG B . 5.69 22.92 19.47
O7 NAG B . 4.15 25.07 13.36
C1 NAG C . -33.22 17.32 -14.08
C2 NAG C . -33.13 17.60 -15.60
C3 NAG C . -31.70 17.46 -16.06
C4 NAG C . -30.73 18.21 -15.16
C5 NAG C . -30.96 17.86 -13.67
C6 NAG C . -30.06 18.65 -12.66
C7 NAG C . -35.15 17.00 -16.80
C8 NAG C . -35.88 15.95 -17.63
N2 NAG C . -33.91 16.69 -16.43
O3 NAG C . -31.54 17.92 -17.42
O4 NAG C . -29.46 17.84 -15.64
O5 NAG C . -32.31 18.14 -13.32
O6 NAG C . -30.17 20.02 -12.97
O7 NAG C . -35.69 18.05 -16.42
C1 NAG D . -17.09 -6.21 -17.19
C2 NAG D . -18.13 -6.83 -16.25
C3 NAG D . -17.94 -8.32 -16.35
C4 NAG D . -18.16 -8.71 -17.78
C5 NAG D . -16.88 -8.21 -18.42
C6 NAG D . -16.68 -8.84 -19.78
C7 NAG D . -18.98 -5.58 -14.23
C8 NAG D . -19.94 -4.74 -14.96
N2 NAG D . -18.14 -6.48 -14.84
O3 NAG D . -18.89 -8.94 -15.54
O4 NAG D . -18.45 -10.05 -17.87
O5 NAG D . -17.18 -6.80 -18.49
O6 NAG D . -17.77 -8.30 -20.49
O7 NAG D . -18.91 -5.35 -13.01
C1 MAN E . 34.92 -2.62 3.51
C2 MAN E . 36.09 -3.59 3.34
C3 MAN E . 35.72 -5.00 2.88
C4 MAN E . 34.49 -5.51 3.62
C5 MAN E . 33.43 -4.48 3.36
C6 MAN E . 32.07 -4.95 3.83
O2 MAN E . 36.61 -3.71 4.62
O3 MAN E . 36.83 -5.81 3.18
O4 MAN E . 34.06 -6.81 3.18
O5 MAN E . 33.77 -3.27 3.99
O6 MAN E . 32.06 -5.10 5.24
#